data_7ZZK
#
_entry.id   7ZZK
#
_cell.length_a   87.958
_cell.length_b   105.009
_cell.length_c   120.671
_cell.angle_alpha   90.000
_cell.angle_beta   90.000
_cell.angle_gamma   90.000
#
_symmetry.space_group_name_H-M   'P 21 21 21'
#
loop_
_entity.id
_entity.type
_entity.pdbx_description
1 polymer 'N-acetyl-D-hexosamine oxidase'
2 non-polymer ALANINE
3 non-polymer 'FLAVIN-ADENINE DINUCLEOTIDE'
4 non-polymer GLYCEROL
5 non-polymer DI(HYDROXYETHYL)ETHER
6 water water
#
_entity_poly.entity_id   1
_entity_poly.type   'polypeptide(L)'
_entity_poly.pdbx_seq_one_letter_code
;MTLDVSRQDPRYNTLKHGFNLRWPSTDAQAAGRIALCEKADDVAPALQHIIDTGMRPTVRSGGHCYEDFVSNNPDGAIVD
LSLLNAPEVRADGTVRIPAGTQNWNGYLELYKRHNLTLPGGSCYSVGAGGHICGGGYGLLSRLQGLTVDWLSAVDIVTVD
RQGRAAPRTVDATRDPELFRACRGAGGGNFGIITAYTFARLPEAPREVALATVAFDWAAMTPERFAELLRLYGEYWETRG
KDPDTWGMFSLLKLTHRSAGQIVMLTQFCNPDGTCRDLSVLNDFLARFRACAPVPLKGRPPGYGPAHRQGVGQLLCSKPH
TVVRYDWLTATQTVNGSGPNQRGKYKSAYMKRGFTAREAQRIYTHLTRTVPGIDLSQSLLQVDSYGGAVNKTERIADTAV
PQRASVMKLQYQTYWTSAADDAGHLRWIGDFYRDVYGTPDVSAPHAGTPYPGDRYEGCYINYPDVDMLAYPFWPQLYYGD
GDLYAFLQRVKRRYDPNNIFHHAMSVRPAAA
;
_entity_poly.pdbx_strand_id   A,B
#
loop_
_chem_comp.id
_chem_comp.type
_chem_comp.name
_chem_comp.formula
FAD non-polymer 'FLAVIN-ADENINE DINUCLEOTIDE' 'C27 H33 N9 O15 P2'
GOL non-polymer GLYCEROL 'C3 H8 O3'
PEG non-polymer DI(HYDROXYETHYL)ETHER 'C4 H10 O3'
#
# COMPACT_ATOMS: atom_id res chain seq x y z
N THR A 2 -25.00 11.32 1.70
CA THR A 2 -24.55 10.88 0.34
C THR A 2 -24.05 12.10 -0.42
N LEU A 3 -22.99 11.94 -1.15
CA LEU A 3 -22.46 13.00 -2.04
C LEU A 3 -22.72 12.54 -3.46
N ASP A 4 -23.28 13.43 -4.27
CA ASP A 4 -23.59 13.12 -5.66
C ASP A 4 -22.40 13.58 -6.47
N VAL A 5 -21.75 12.68 -7.15
CA VAL A 5 -20.68 13.03 -8.09
C VAL A 5 -21.21 12.74 -9.48
N SER A 6 -21.67 13.78 -10.14
CA SER A 6 -22.16 13.65 -11.52
C SER A 6 -21.08 14.13 -12.47
N ARG A 7 -21.40 14.21 -13.75
CA ARG A 7 -20.41 14.63 -14.76
C ARG A 7 -19.98 16.06 -14.59
N GLN A 8 -20.73 16.93 -13.88
CA GLN A 8 -20.28 18.30 -13.65
C GLN A 8 -19.17 18.36 -12.59
N ASP A 9 -19.05 17.31 -11.80
CA ASP A 9 -18.20 17.36 -10.58
C ASP A 9 -16.77 17.01 -10.97
N PRO A 10 -15.77 17.71 -10.39
CA PRO A 10 -14.37 17.45 -10.70
C PRO A 10 -13.90 16.03 -10.37
N ARG A 11 -14.59 15.38 -9.46
CA ARG A 11 -14.24 14.01 -9.01
C ARG A 11 -14.73 12.97 -10.01
N TYR A 12 -15.54 13.33 -10.98
CA TYR A 12 -16.23 12.32 -11.84
C TYR A 12 -15.26 11.45 -12.64
N ASN A 13 -14.28 12.06 -13.29
CA ASN A 13 -13.41 11.26 -14.18
C ASN A 13 -12.68 10.20 -13.35
N THR A 14 -12.35 10.53 -12.11
CA THR A 14 -11.64 9.57 -11.23
C THR A 14 -12.63 8.52 -10.77
N LEU A 15 -13.79 8.94 -10.29
CA LEU A 15 -14.73 8.03 -9.59
C LEU A 15 -15.58 7.23 -10.57
N LYS A 16 -15.52 7.49 -11.87
CA LYS A 16 -16.27 6.64 -12.82
C LYS A 16 -15.64 5.26 -12.98
N HIS A 17 -14.36 5.11 -12.57
CA HIS A 17 -13.61 3.85 -12.76
C HIS A 17 -13.17 3.36 -11.38
N GLY A 18 -12.65 2.15 -11.42
CA GLY A 18 -12.06 1.46 -10.29
C GLY A 18 -10.62 1.12 -10.58
N PHE A 19 -10.11 0.04 -10.00
CA PHE A 19 -8.70 -0.29 -10.08
C PHE A 19 -8.29 -0.67 -11.51
N ASN A 20 -9.10 -1.44 -12.18
CA ASN A 20 -8.76 -1.89 -13.56
C ASN A 20 -9.14 -0.76 -14.52
N LEU A 21 -8.14 -0.14 -15.12
CA LEU A 21 -8.36 1.06 -15.95
C LEU A 21 -9.08 0.76 -17.25
N ARG A 22 -9.29 -0.50 -17.57
CA ARG A 22 -10.07 -0.86 -18.78
C ARG A 22 -11.49 -0.34 -18.73
N TRP A 23 -12.08 -0.12 -17.55
CA TRP A 23 -13.52 0.10 -17.45
C TRP A 23 -13.81 1.50 -16.93
N PRO A 24 -14.77 2.23 -17.48
CA PRO A 24 -15.59 1.77 -18.60
C PRO A 24 -14.83 1.85 -19.94
N SER A 25 -15.19 0.96 -20.87
CA SER A 25 -14.52 0.81 -22.18
C SER A 25 -14.70 2.08 -23.01
N THR A 26 -15.85 2.73 -22.88
CA THR A 26 -16.20 3.96 -23.63
C THR A 26 -16.90 4.91 -22.68
N ASP A 27 -16.91 6.18 -23.07
CA ASP A 27 -17.63 7.21 -22.27
C ASP A 27 -19.13 6.91 -22.30
N ALA A 28 -19.69 6.39 -23.39
CA ALA A 28 -21.11 6.08 -23.50
C ALA A 28 -21.53 5.05 -22.46
N GLN A 29 -20.61 4.13 -22.13
CA GLN A 29 -20.91 3.04 -21.18
C GLN A 29 -20.77 3.56 -19.75
N ALA A 30 -20.17 4.73 -19.54
CA ALA A 30 -19.88 5.22 -18.18
C ALA A 30 -21.15 5.54 -17.43
N ALA A 31 -21.08 5.40 -16.11
CA ALA A 31 -22.14 5.89 -15.23
C ALA A 31 -22.37 7.38 -15.46
N GLY A 32 -23.61 7.80 -15.27
CA GLY A 32 -23.95 9.24 -15.26
C GLY A 32 -23.55 9.88 -13.93
N ARG A 33 -23.51 9.10 -12.83
CA ARG A 33 -23.24 9.66 -11.51
C ARG A 33 -22.79 8.55 -10.56
N ILE A 34 -22.12 9.01 -9.49
CA ILE A 34 -21.65 8.15 -8.40
C ILE A 34 -22.32 8.70 -7.16
N ALA A 35 -23.03 7.85 -6.44
CA ALA A 35 -23.62 8.16 -5.15
C ALA A 35 -22.60 7.71 -4.10
N LEU A 36 -21.81 8.62 -3.53
CA LEU A 36 -20.83 8.29 -2.49
C LEU A 36 -21.60 8.27 -1.19
N CYS A 37 -21.86 7.10 -0.64
CA CYS A 37 -22.60 6.99 0.63
C CYS A 37 -21.66 7.41 1.76
N GLU A 38 -22.14 8.20 2.68
CA GLU A 38 -21.32 8.72 3.81
C GLU A 38 -21.57 7.88 5.06
N LYS A 39 -22.68 7.18 5.19
CA LYS A 39 -22.95 6.27 6.32
C LYS A 39 -23.84 5.14 5.84
N ALA A 40 -23.98 4.08 6.62
CA ALA A 40 -24.78 2.91 6.22
C ALA A 40 -26.23 3.31 5.98
N ASP A 41 -26.74 4.26 6.77
CA ASP A 41 -28.16 4.71 6.66
C ASP A 41 -28.40 5.44 5.35
N ASP A 42 -27.36 5.85 4.63
CA ASP A 42 -27.52 6.50 3.30
C ASP A 42 -27.89 5.49 2.22
N VAL A 43 -27.57 4.22 2.41
CA VAL A 43 -27.58 3.26 1.29
C VAL A 43 -28.98 3.03 0.79
N ALA A 44 -29.96 2.66 1.63
CA ALA A 44 -31.30 2.40 1.12
C ALA A 44 -31.90 3.65 0.48
N PRO A 45 -31.82 4.84 1.11
CA PRO A 45 -32.36 6.04 0.46
C PRO A 45 -31.65 6.40 -0.83
N ALA A 46 -30.34 6.25 -0.90
CA ALA A 46 -29.66 6.50 -2.19
C ALA A 46 -30.17 5.55 -3.27
N LEU A 47 -30.24 4.25 -2.99
CA LEU A 47 -30.77 3.26 -3.92
C LEU A 47 -32.20 3.61 -4.30
N GLN A 48 -33.03 3.93 -3.32
CA GLN A 48 -34.46 4.22 -3.58
C GLN A 48 -34.57 5.38 -4.57
N HIS A 49 -33.75 6.41 -4.39
CA HIS A 49 -33.76 7.60 -5.29
C HIS A 49 -33.40 7.20 -6.71
N ILE A 50 -32.40 6.36 -6.86
CA ILE A 50 -31.95 5.90 -8.17
C ILE A 50 -33.06 5.08 -8.83
N ILE A 51 -33.58 4.07 -8.17
CA ILE A 51 -34.56 3.20 -8.87
C ILE A 51 -35.90 3.95 -9.09
N ASP A 52 -36.24 4.89 -8.25
CA ASP A 52 -37.51 5.66 -8.37
C ASP A 52 -37.46 6.46 -9.67
N THR A 53 -36.27 6.83 -10.14
CA THR A 53 -36.14 7.58 -11.43
C THR A 53 -35.99 6.63 -12.61
N GLY A 54 -36.02 5.32 -12.43
CA GLY A 54 -35.83 4.32 -13.48
C GLY A 54 -34.37 4.09 -13.81
N MET A 55 -33.47 4.66 -13.02
N MET A 55 -33.47 4.67 -13.02
CA MET A 55 -32.02 4.55 -13.30
CA MET A 55 -32.02 4.55 -13.30
C MET A 55 -31.55 3.21 -12.71
C MET A 55 -31.54 3.22 -12.72
N ARG A 56 -30.55 2.65 -13.35
CA ARG A 56 -29.92 1.41 -12.89
C ARG A 56 -28.77 1.67 -11.94
N PRO A 57 -28.74 0.98 -10.80
CA PRO A 57 -27.57 1.02 -9.91
C PRO A 57 -26.59 -0.11 -10.16
N THR A 58 -25.30 0.20 -10.16
CA THR A 58 -24.24 -0.78 -9.93
C THR A 58 -23.62 -0.46 -8.58
N VAL A 59 -22.81 -1.37 -8.06
CA VAL A 59 -22.42 -1.29 -6.64
C VAL A 59 -20.92 -1.39 -6.56
N ARG A 60 -20.29 -0.52 -5.81
CA ARG A 60 -18.84 -0.55 -5.63
C ARG A 60 -18.51 -0.42 -4.15
N SER A 61 -17.50 -1.16 -3.73
CA SER A 61 -16.88 -0.99 -2.41
C SER A 61 -15.41 -0.67 -2.65
N GLY A 62 -14.56 -1.63 -2.94
CA GLY A 62 -13.13 -1.32 -3.12
C GLY A 62 -12.75 -1.10 -4.57
N GLY A 63 -13.64 -1.33 -5.52
CA GLY A 63 -13.28 -1.00 -6.91
C GLY A 63 -12.40 -2.01 -7.59
N HIS A 64 -12.10 -3.17 -7.01
CA HIS A 64 -11.15 -4.13 -7.61
C HIS A 64 -11.75 -5.04 -8.68
N CYS A 65 -13.03 -4.92 -9.01
CA CYS A 65 -13.62 -5.85 -9.99
C CYS A 65 -12.68 -6.02 -11.19
N TYR A 66 -12.46 -7.29 -11.58
CA TYR A 66 -11.64 -7.54 -12.77
C TYR A 66 -12.37 -7.14 -14.05
N GLU A 67 -13.68 -7.20 -14.02
CA GLU A 67 -14.52 -7.01 -15.21
C GLU A 67 -15.31 -5.73 -15.10
N ASP A 68 -16.08 -5.41 -16.14
CA ASP A 68 -16.78 -4.12 -16.24
C ASP A 68 -18.06 -4.05 -15.39
N PHE A 69 -18.25 -4.93 -14.40
CA PHE A 69 -19.54 -5.10 -13.72
C PHE A 69 -20.05 -3.84 -13.02
N VAL A 70 -19.11 -3.04 -12.56
CA VAL A 70 -19.43 -1.82 -11.80
C VAL A 70 -19.46 -0.60 -12.76
N SER A 71 -18.44 -0.50 -13.59
CA SER A 71 -18.22 0.78 -14.33
C SER A 71 -18.98 0.80 -15.67
N ASN A 72 -19.40 -0.34 -16.22
CA ASN A 72 -20.22 -0.37 -17.46
C ASN A 72 -21.68 -0.30 -17.04
N ASN A 73 -22.20 0.92 -16.94
CA ASN A 73 -23.56 1.18 -16.50
C ASN A 73 -24.04 2.46 -17.18
N PRO A 74 -24.42 2.36 -18.46
CA PRO A 74 -24.54 3.54 -19.30
C PRO A 74 -25.54 4.57 -18.79
N ASP A 75 -25.01 5.70 -18.39
CA ASP A 75 -25.78 6.82 -17.79
C ASP A 75 -26.56 6.40 -16.56
N GLY A 76 -26.05 5.35 -15.87
CA GLY A 76 -26.62 4.90 -14.61
C GLY A 76 -25.89 5.48 -13.40
N ALA A 77 -26.10 4.87 -12.24
CA ALA A 77 -25.54 5.34 -10.96
C ALA A 77 -24.71 4.22 -10.36
N ILE A 78 -23.47 4.56 -9.97
CA ILE A 78 -22.64 3.67 -9.12
C ILE A 78 -22.97 4.02 -7.71
N VAL A 79 -23.44 3.06 -6.91
CA VAL A 79 -23.62 3.28 -5.48
C VAL A 79 -22.31 2.83 -4.82
N ASP A 80 -21.59 3.78 -4.26
CA ASP A 80 -20.22 3.60 -3.79
C ASP A 80 -20.21 3.64 -2.27
N LEU A 81 -19.73 2.57 -1.69
CA LEU A 81 -19.70 2.34 -0.23
C LEU A 81 -18.27 2.42 0.27
N SER A 82 -17.34 2.98 -0.52
CA SER A 82 -15.94 3.04 -0.12
C SER A 82 -15.70 3.91 1.12
N LEU A 83 -16.55 4.84 1.49
CA LEU A 83 -16.30 5.59 2.73
C LEU A 83 -16.80 4.84 3.97
N LEU A 84 -17.49 3.74 3.78
CA LEU A 84 -18.07 2.97 4.92
C LEU A 84 -17.03 1.95 5.33
N ASN A 85 -16.06 2.42 6.10
CA ASN A 85 -14.78 1.67 6.15
C ASN A 85 -14.22 1.44 7.54
N ALA A 86 -14.99 1.66 8.60
CA ALA A 86 -14.42 1.53 9.97
C ALA A 86 -14.98 0.28 10.62
N PRO A 87 -14.20 -0.80 10.73
CA PRO A 87 -14.68 -1.98 11.42
C PRO A 87 -15.01 -1.70 12.88
N GLU A 88 -15.99 -2.43 13.39
CA GLU A 88 -16.35 -2.43 14.82
C GLU A 88 -15.83 -3.72 15.41
N VAL A 89 -14.86 -3.62 16.28
CA VAL A 89 -14.31 -4.82 16.98
C VAL A 89 -14.72 -4.72 18.43
N ARG A 90 -15.63 -5.57 18.86
CA ARG A 90 -16.20 -5.45 20.19
C ARG A 90 -15.33 -6.19 21.21
N ALA A 91 -15.46 -5.77 22.48
CA ALA A 91 -14.71 -6.39 23.58
C ALA A 91 -15.03 -7.89 23.68
N ASP A 92 -16.23 -8.33 23.25
CA ASP A 92 -16.59 -9.77 23.31
C ASP A 92 -16.09 -10.55 22.09
N GLY A 93 -15.28 -9.92 21.24
CA GLY A 93 -14.65 -10.60 20.11
C GLY A 93 -15.52 -10.63 18.86
N THR A 94 -16.73 -10.10 18.92
CA THR A 94 -17.59 -9.99 17.73
C THR A 94 -17.10 -8.83 16.87
N VAL A 95 -17.20 -9.01 15.56
CA VAL A 95 -16.66 -8.03 14.59
C VAL A 95 -17.71 -7.71 13.55
N ARG A 96 -17.79 -6.45 13.17
CA ARG A 96 -18.60 -6.02 12.03
C ARG A 96 -17.65 -5.30 11.06
N ILE A 97 -17.58 -5.75 9.83
CA ILE A 97 -16.72 -5.15 8.77
C ILE A 97 -17.65 -4.49 7.77
N PRO A 98 -17.68 -3.16 7.71
CA PRO A 98 -18.49 -2.51 6.71
C PRO A 98 -17.87 -2.72 5.32
N ALA A 99 -18.71 -2.56 4.31
CA ALA A 99 -18.35 -2.97 2.95
C ALA A 99 -17.13 -2.24 2.42
N GLY A 100 -16.91 -0.99 2.79
CA GLY A 100 -15.78 -0.24 2.20
C GLY A 100 -14.47 -0.52 2.86
N THR A 101 -14.42 -1.32 3.91
CA THR A 101 -13.16 -1.63 4.61
C THR A 101 -12.20 -2.30 3.64
N GLN A 102 -11.02 -1.73 3.46
CA GLN A 102 -9.98 -2.33 2.62
C GLN A 102 -9.22 -3.38 3.43
N ASN A 103 -8.73 -4.37 2.71
CA ASN A 103 -8.21 -5.58 3.40
C ASN A 103 -7.17 -5.20 4.45
N TRP A 104 -6.15 -4.46 4.07
CA TRP A 104 -5.02 -4.21 4.99
C TRP A 104 -5.47 -3.32 6.17
N ASN A 105 -6.19 -2.25 5.91
CA ASN A 105 -6.75 -1.44 7.01
C ASN A 105 -7.54 -2.33 7.96
N GLY A 106 -8.32 -3.23 7.41
CA GLY A 106 -9.10 -4.19 8.22
C GLY A 106 -8.19 -5.09 9.06
N TYR A 107 -7.14 -5.58 8.47
CA TYR A 107 -6.23 -6.48 9.23
C TYR A 107 -5.59 -5.69 10.38
N LEU A 108 -5.22 -4.43 10.13
CA LEU A 108 -4.61 -3.61 11.19
C LEU A 108 -5.61 -3.45 12.33
N GLU A 109 -6.85 -3.10 12.00
CA GLU A 109 -7.86 -2.83 13.05
C GLU A 109 -8.17 -4.11 13.84
N LEU A 110 -8.36 -5.22 13.16
N LEU A 110 -8.36 -5.22 13.17
CA LEU A 110 -8.72 -6.51 13.80
CA LEU A 110 -8.72 -6.49 13.83
C LEU A 110 -7.55 -6.94 14.67
C LEU A 110 -7.54 -6.95 14.68
N TYR A 111 -6.33 -6.77 14.21
CA TYR A 111 -5.14 -7.24 14.94
C TYR A 111 -4.94 -6.37 16.18
N LYS A 112 -4.91 -5.06 16.00
CA LYS A 112 -4.62 -4.18 17.15
C LYS A 112 -5.74 -4.25 18.16
N ARG A 113 -7.01 -4.34 17.74
CA ARG A 113 -8.12 -4.19 18.68
C ARG A 113 -8.34 -5.50 19.42
N HIS A 114 -8.07 -6.66 18.83
CA HIS A 114 -8.44 -7.89 19.56
C HIS A 114 -7.62 -9.07 19.12
N ASN A 115 -6.45 -8.90 18.52
CA ASN A 115 -5.58 -10.01 18.09
C ASN A 115 -6.32 -10.98 17.19
N LEU A 116 -7.18 -10.44 16.32
CA LEU A 116 -8.01 -11.26 15.39
C LEU A 116 -7.52 -11.03 13.97
N THR A 117 -7.87 -11.94 13.09
CA THR A 117 -7.74 -11.69 11.65
C THR A 117 -8.84 -12.41 10.90
N LEU A 118 -8.91 -12.14 9.63
CA LEU A 118 -9.84 -12.79 8.69
C LEU A 118 -9.04 -13.33 7.53
N PRO A 119 -9.19 -14.61 7.14
CA PRO A 119 -8.36 -15.18 6.13
C PRO A 119 -8.79 -14.84 4.71
N GLY A 120 -8.58 -13.57 4.42
CA GLY A 120 -8.85 -13.03 3.10
C GLY A 120 -7.58 -12.66 2.36
N GLY A 121 -7.77 -11.85 1.30
CA GLY A 121 -6.71 -11.61 0.35
C GLY A 121 -5.59 -10.76 0.89
N SER A 122 -4.50 -10.78 0.16
CA SER A 122 -3.27 -10.07 0.53
C SER A 122 -3.28 -8.61 0.07
N CYS A 123 -3.96 -8.31 -1.02
N CYS A 123 -3.94 -8.33 -1.02
CA CYS A 123 -3.88 -6.96 -1.63
CA CYS A 123 -4.03 -6.99 -1.67
C CYS A 123 -4.49 -5.91 -0.68
C CYS A 123 -4.51 -5.92 -0.68
N TYR A 124 -3.73 -4.87 -0.38
CA TYR A 124 -4.09 -3.91 0.68
C TYR A 124 -5.44 -3.24 0.40
N SER A 125 -5.73 -2.99 -0.86
CA SER A 125 -6.76 -2.02 -1.31
C SER A 125 -8.09 -2.70 -1.68
N VAL A 126 -8.10 -4.05 -1.73
CA VAL A 126 -9.39 -4.75 -2.01
C VAL A 126 -10.43 -4.40 -0.96
N GLY A 127 -11.67 -4.20 -1.37
CA GLY A 127 -12.76 -3.88 -0.46
C GLY A 127 -13.49 -5.14 0.01
N ALA A 128 -13.92 -5.11 1.27
CA ALA A 128 -14.76 -6.16 1.84
C ALA A 128 -16.00 -6.42 1.01
N GLY A 129 -16.63 -5.38 0.52
CA GLY A 129 -17.92 -5.53 -0.13
C GLY A 129 -17.93 -6.57 -1.22
N GLY A 130 -17.05 -6.49 -2.20
CA GLY A 130 -16.97 -7.53 -3.25
C GLY A 130 -16.24 -8.76 -2.81
N HIS A 131 -15.23 -8.56 -2.00
CA HIS A 131 -14.28 -9.61 -1.72
C HIS A 131 -14.91 -10.72 -0.89
N ILE A 132 -15.58 -10.36 0.19
CA ILE A 132 -16.07 -11.41 1.10
C ILE A 132 -17.24 -12.18 0.45
N CYS A 133 -18.21 -11.50 -0.12
CA CYS A 133 -19.36 -12.24 -0.69
C CYS A 133 -18.95 -13.08 -1.90
N GLY A 134 -17.81 -12.82 -2.55
CA GLY A 134 -17.30 -13.62 -3.65
C GLY A 134 -16.49 -14.81 -3.17
N GLY A 135 -16.24 -14.95 -1.87
CA GLY A 135 -15.48 -16.09 -1.32
C GLY A 135 -13.99 -15.83 -1.13
N GLY A 136 -13.65 -14.61 -0.78
CA GLY A 136 -12.27 -14.16 -0.63
C GLY A 136 -11.44 -15.13 0.17
N TYR A 137 -10.21 -15.30 -0.28
CA TYR A 137 -9.21 -16.18 0.33
C TYR A 137 -7.85 -15.51 0.31
N GLY A 138 -6.96 -16.04 1.09
CA GLY A 138 -5.56 -15.62 1.04
C GLY A 138 -4.65 -16.54 1.77
N LEU A 139 -3.53 -16.01 2.17
CA LEU A 139 -2.37 -16.80 2.65
C LEU A 139 -2.71 -17.62 3.89
N LEU A 140 -3.76 -17.27 4.64
CA LEU A 140 -4.17 -18.03 5.84
C LEU A 140 -5.31 -18.98 5.54
N SER A 141 -5.76 -19.08 4.29
CA SER A 141 -6.98 -19.85 4.04
C SER A 141 -6.74 -21.39 4.11
N ARG A 142 -5.56 -21.88 3.85
CA ARG A 142 -5.27 -23.32 4.10
C ARG A 142 -5.36 -23.58 5.60
N LEU A 143 -5.09 -22.59 6.44
CA LEU A 143 -5.10 -22.75 7.91
C LEU A 143 -6.49 -22.51 8.49
N GLN A 144 -7.18 -21.50 7.98
CA GLN A 144 -8.38 -20.96 8.61
C GLN A 144 -9.61 -20.95 7.72
N GLY A 145 -9.50 -21.37 6.48
CA GLY A 145 -10.64 -21.42 5.58
C GLY A 145 -10.86 -20.08 4.88
N LEU A 146 -12.02 -19.97 4.29
CA LEU A 146 -12.35 -18.78 3.48
C LEU A 146 -12.94 -17.71 4.39
N THR A 147 -12.94 -16.48 3.94
CA THR A 147 -13.62 -15.38 4.62
C THR A 147 -15.04 -15.79 4.93
N VAL A 148 -15.74 -16.33 3.94
CA VAL A 148 -17.17 -16.65 4.12
C VAL A 148 -17.39 -17.76 5.12
N ASP A 149 -16.38 -18.59 5.41
CA ASP A 149 -16.54 -19.69 6.38
C ASP A 149 -16.71 -19.14 7.78
N TRP A 150 -16.39 -17.89 8.04
CA TRP A 150 -16.53 -17.27 9.36
C TRP A 150 -17.75 -16.37 9.46
N LEU A 151 -18.45 -16.09 8.37
CA LEU A 151 -19.55 -15.12 8.41
C LEU A 151 -20.68 -15.67 9.24
N SER A 152 -21.21 -14.85 10.11
CA SER A 152 -22.35 -15.14 10.99
C SER A 152 -23.60 -14.39 10.56
N ALA A 153 -23.48 -13.22 9.97
CA ALA A 153 -24.65 -12.45 9.55
C ALA A 153 -24.20 -11.47 8.48
N VAL A 154 -25.15 -11.03 7.67
CA VAL A 154 -24.88 -10.02 6.64
C VAL A 154 -25.96 -8.97 6.71
N ASP A 155 -25.55 -7.72 6.71
CA ASP A 155 -26.50 -6.59 6.59
C ASP A 155 -26.59 -6.20 5.13
N ILE A 156 -27.77 -6.29 4.52
CA ILE A 156 -27.93 -6.10 3.06
C ILE A 156 -29.20 -5.30 2.78
N VAL A 157 -29.10 -4.39 1.82
CA VAL A 157 -30.25 -3.64 1.33
C VAL A 157 -30.77 -4.34 0.09
N THR A 158 -32.04 -4.78 0.13
CA THR A 158 -32.68 -5.47 -0.98
C THR A 158 -33.87 -4.65 -1.45
N VAL A 159 -34.34 -4.96 -2.65
CA VAL A 159 -35.48 -4.24 -3.27
C VAL A 159 -36.57 -5.27 -3.48
N ASP A 160 -37.72 -5.00 -2.91
CA ASP A 160 -38.85 -5.96 -2.95
C ASP A 160 -39.62 -5.83 -4.28
N ARG A 161 -40.62 -6.70 -4.44
CA ARG A 161 -41.44 -6.76 -5.67
C ARG A 161 -42.03 -5.38 -6.00
N GLN A 162 -42.40 -4.59 -5.00
CA GLN A 162 -43.03 -3.26 -5.13
C GLN A 162 -41.96 -2.18 -5.36
N GLY A 163 -40.65 -2.55 -5.44
CA GLY A 163 -39.60 -1.58 -5.74
C GLY A 163 -39.18 -0.78 -4.53
N ARG A 164 -39.40 -1.28 -3.32
CA ARG A 164 -38.98 -0.57 -2.08
C ARG A 164 -37.66 -1.18 -1.60
N ALA A 165 -36.65 -0.34 -1.50
CA ALA A 165 -35.34 -0.70 -0.91
C ALA A 165 -35.44 -0.63 0.61
N ALA A 166 -34.90 -1.65 1.27
CA ALA A 166 -34.84 -1.62 2.73
C ALA A 166 -33.72 -2.54 3.20
N PRO A 167 -33.12 -2.14 4.32
CA PRO A 167 -32.11 -2.97 4.96
C PRO A 167 -32.72 -4.18 5.67
N ARG A 168 -31.99 -5.28 5.60
CA ARG A 168 -32.32 -6.47 6.38
C ARG A 168 -31.04 -7.08 6.92
N THR A 169 -31.15 -7.90 7.96
CA THR A 169 -30.01 -8.67 8.46
C THR A 169 -30.32 -10.12 8.23
N VAL A 170 -29.45 -10.82 7.55
CA VAL A 170 -29.65 -12.25 7.20
C VAL A 170 -28.63 -13.05 7.99
N ASP A 171 -28.96 -14.29 8.32
CA ASP A 171 -28.08 -15.14 9.14
C ASP A 171 -28.64 -16.56 9.08
N ALA A 172 -28.20 -17.42 9.98
CA ALA A 172 -28.58 -18.85 9.89
C ALA A 172 -30.09 -19.05 9.98
N THR A 173 -30.80 -18.15 10.65
CA THR A 173 -32.28 -18.35 10.81
C THR A 173 -33.09 -17.26 10.13
N ARG A 174 -32.51 -16.15 9.74
CA ARG A 174 -33.29 -15.05 9.12
C ARG A 174 -32.91 -14.98 7.64
N ASP A 175 -33.83 -15.21 6.73
CA ASP A 175 -33.52 -15.28 5.29
C ASP A 175 -32.27 -16.11 5.06
N PRO A 176 -32.22 -17.36 5.57
CA PRO A 176 -31.03 -18.19 5.50
C PRO A 176 -30.56 -18.51 4.08
N GLU A 177 -31.44 -18.51 3.08
CA GLU A 177 -31.04 -18.79 1.69
C GLU A 177 -30.28 -17.55 1.16
N LEU A 178 -30.74 -16.34 1.49
CA LEU A 178 -29.97 -15.16 1.08
C LEU A 178 -28.64 -15.13 1.84
N PHE A 179 -28.65 -15.50 3.11
CA PHE A 179 -27.39 -15.59 3.88
C PHE A 179 -26.41 -16.50 3.14
N ARG A 180 -26.83 -17.70 2.77
CA ARG A 180 -25.95 -18.65 2.08
C ARG A 180 -25.44 -18.01 0.78
N ALA A 181 -26.28 -17.34 0.02
CA ALA A 181 -25.88 -16.72 -1.28
C ALA A 181 -24.81 -15.64 -1.03
N CYS A 182 -24.92 -14.90 0.07
CA CYS A 182 -23.93 -13.87 0.45
C CYS A 182 -22.62 -14.52 0.85
N ARG A 183 -22.59 -15.81 1.13
CA ARG A 183 -21.39 -16.56 1.51
C ARG A 183 -20.79 -17.17 0.28
N GLY A 184 -20.52 -16.33 -0.73
CA GLY A 184 -19.66 -16.75 -1.83
C GLY A 184 -20.19 -16.53 -3.24
N ALA A 185 -21.46 -16.20 -3.46
CA ALA A 185 -22.01 -16.21 -4.85
C ALA A 185 -21.42 -15.05 -5.66
N GLY A 186 -20.78 -14.06 -4.99
CA GLY A 186 -20.33 -12.90 -5.76
C GLY A 186 -21.28 -11.75 -5.61
N GLY A 187 -20.72 -10.58 -5.82
CA GLY A 187 -21.49 -9.37 -5.59
C GLY A 187 -22.32 -8.90 -6.77
N GLY A 188 -23.04 -7.82 -6.51
CA GLY A 188 -23.85 -7.12 -7.52
C GLY A 188 -25.04 -7.98 -7.97
N ASN A 189 -25.48 -8.90 -7.13
CA ASN A 189 -26.49 -9.91 -7.51
C ASN A 189 -27.81 -9.70 -6.80
N PHE A 190 -27.84 -9.47 -5.49
CA PHE A 190 -29.08 -9.63 -4.69
C PHE A 190 -29.46 -8.34 -3.99
N GLY A 191 -28.55 -7.37 -3.93
CA GLY A 191 -28.69 -6.20 -3.08
C GLY A 191 -27.32 -5.67 -2.73
N ILE A 192 -27.32 -4.66 -1.89
CA ILE A 192 -26.08 -3.93 -1.49
C ILE A 192 -25.76 -4.34 -0.09
N ILE A 193 -24.67 -5.08 0.07
CA ILE A 193 -24.22 -5.45 1.42
C ILE A 193 -23.62 -4.23 2.07
N THR A 194 -24.05 -3.88 3.26
CA THR A 194 -23.49 -2.72 4.00
C THR A 194 -22.44 -3.20 5.00
N ALA A 195 -22.58 -4.42 5.50
CA ALA A 195 -21.62 -4.89 6.52
C ALA A 195 -21.72 -6.41 6.63
N TYR A 196 -20.62 -6.96 7.05
CA TYR A 196 -20.40 -8.39 7.33
C TYR A 196 -20.21 -8.53 8.83
N THR A 197 -20.90 -9.49 9.45
CA THR A 197 -20.79 -9.76 10.90
C THR A 197 -20.19 -11.12 11.17
N PHE A 198 -19.32 -11.12 12.18
CA PHE A 198 -18.57 -12.32 12.57
C PHE A 198 -18.74 -12.50 14.06
N ALA A 199 -19.36 -13.59 14.48
CA ALA A 199 -19.52 -13.87 15.92
C ALA A 199 -18.17 -14.19 16.52
N ARG A 200 -17.26 -14.72 15.72
CA ARG A 200 -15.93 -15.14 16.15
C ARG A 200 -15.01 -14.99 14.97
N LEU A 201 -13.76 -14.64 15.20
CA LEU A 201 -12.72 -14.73 14.17
C LEU A 201 -11.54 -15.49 14.78
N PRO A 202 -10.66 -16.03 13.92
CA PRO A 202 -9.48 -16.69 14.42
C PRO A 202 -8.48 -15.67 14.95
N GLU A 203 -7.63 -16.14 15.84
CA GLU A 203 -6.51 -15.31 16.33
C GLU A 203 -5.51 -15.12 15.21
N ALA A 204 -4.98 -13.91 15.11
CA ALA A 204 -3.86 -13.62 14.21
C ALA A 204 -2.67 -14.50 14.57
N PRO A 205 -1.91 -15.05 13.61
CA PRO A 205 -0.65 -15.70 13.92
C PRO A 205 0.30 -14.70 14.59
N ARG A 206 1.26 -15.24 15.30
CA ARG A 206 2.34 -14.45 15.91
C ARG A 206 3.53 -14.27 14.98
N GLU A 207 3.92 -15.29 14.23
CA GLU A 207 5.17 -15.26 13.48
C GLU A 207 5.01 -16.10 12.22
N VAL A 208 5.56 -15.62 11.13
CA VAL A 208 5.62 -16.41 9.88
C VAL A 208 7.04 -16.34 9.34
N ALA A 209 7.36 -17.26 8.46
CA ALA A 209 8.56 -17.14 7.62
C ALA A 209 8.06 -16.86 6.22
N LEU A 210 8.80 -16.05 5.47
CA LEU A 210 8.57 -15.86 4.04
C LEU A 210 9.78 -16.43 3.32
N ALA A 211 9.52 -17.36 2.44
CA ALA A 211 10.58 -18.02 1.64
C ALA A 211 10.39 -17.61 0.19
N THR A 212 11.46 -17.17 -0.42
CA THR A 212 11.50 -16.80 -1.84
C THR A 212 12.45 -17.77 -2.56
N VAL A 213 11.94 -18.41 -3.59
CA VAL A 213 12.77 -19.29 -4.45
C VAL A 213 12.52 -18.80 -5.88
N ALA A 214 13.57 -18.41 -6.59
CA ALA A 214 13.47 -17.98 -7.98
C ALA A 214 14.18 -18.95 -8.91
N PHE A 215 13.73 -18.97 -10.16
CA PHE A 215 14.29 -19.88 -11.19
C PHE A 215 14.52 -19.01 -12.40
N ASP A 216 15.74 -19.10 -12.92
CA ASP A 216 16.14 -18.33 -14.10
C ASP A 216 15.46 -18.89 -15.35
N TRP A 217 14.76 -18.06 -16.10
CA TRP A 217 14.15 -18.49 -17.38
C TRP A 217 15.21 -18.90 -18.42
N ALA A 218 16.41 -18.34 -18.33
CA ALA A 218 17.49 -18.56 -19.33
C ALA A 218 17.82 -20.05 -19.39
N ALA A 219 17.71 -20.75 -18.28
CA ALA A 219 18.06 -22.19 -18.10
C ALA A 219 16.82 -23.07 -18.16
N MET A 220 15.63 -22.49 -18.35
CA MET A 220 14.34 -23.19 -18.15
C MET A 220 13.91 -23.89 -19.44
N THR A 221 14.27 -25.14 -19.60
CA THR A 221 13.86 -26.01 -20.72
C THR A 221 12.45 -26.53 -20.47
N PRO A 222 11.77 -27.10 -21.49
CA PRO A 222 10.49 -27.74 -21.26
C PRO A 222 10.53 -28.80 -20.16
N GLU A 223 11.60 -29.58 -20.11
CA GLU A 223 11.76 -30.68 -19.13
C GLU A 223 11.90 -30.12 -17.72
N ARG A 224 12.72 -29.09 -17.54
CA ARG A 224 12.95 -28.49 -16.21
C ARG A 224 11.62 -27.85 -15.74
N PHE A 225 10.90 -27.29 -16.70
CA PHE A 225 9.61 -26.62 -16.37
C PHE A 225 8.62 -27.68 -15.93
N ALA A 226 8.53 -28.79 -16.66
CA ALA A 226 7.64 -29.90 -16.26
C ALA A 226 8.01 -30.43 -14.87
N GLU A 227 9.31 -30.49 -14.55
N GLU A 227 9.31 -30.49 -14.55
CA GLU A 227 9.82 -31.01 -13.26
CA GLU A 227 9.82 -31.01 -13.26
C GLU A 227 9.39 -30.04 -12.17
C GLU A 227 9.39 -30.04 -12.17
N LEU A 228 9.52 -28.74 -12.42
CA LEU A 228 9.04 -27.71 -11.45
C LEU A 228 7.57 -27.94 -11.14
N LEU A 229 6.75 -28.04 -12.15
CA LEU A 229 5.28 -28.21 -11.98
C LEU A 229 5.00 -29.54 -11.33
N ARG A 230 5.77 -30.59 -11.67
CA ARG A 230 5.55 -31.89 -11.03
C ARG A 230 5.84 -31.77 -9.53
N LEU A 231 6.98 -31.21 -9.15
CA LEU A 231 7.40 -31.16 -7.73
C LEU A 231 6.37 -30.35 -6.94
N TYR A 232 5.92 -29.27 -7.54
CA TYR A 232 5.03 -28.34 -6.79
C TYR A 232 3.65 -28.98 -6.67
N GLY A 233 3.03 -29.36 -7.79
CA GLY A 233 1.67 -29.93 -7.81
C GLY A 233 1.59 -31.24 -7.05
N GLU A 234 2.58 -32.10 -7.20
CA GLU A 234 2.52 -33.38 -6.46
C GLU A 234 2.54 -33.12 -4.96
N TYR A 235 3.23 -32.07 -4.50
CA TYR A 235 3.22 -31.72 -3.07
C TYR A 235 1.80 -31.40 -2.61
N TRP A 236 1.11 -30.48 -3.30
CA TRP A 236 -0.23 -30.06 -2.86
C TRP A 236 -1.26 -31.17 -2.98
N GLU A 237 -1.04 -32.09 -3.91
CA GLU A 237 -1.99 -33.22 -4.10
C GLU A 237 -1.86 -34.24 -2.99
N THR A 238 -0.70 -34.31 -2.33
CA THR A 238 -0.38 -35.33 -1.29
C THR A 238 -0.10 -34.69 0.06
N ARG A 239 1.15 -34.38 0.31
CA ARG A 239 1.66 -33.94 1.61
C ARG A 239 0.89 -32.68 2.05
N GLY A 240 0.60 -31.81 1.10
CA GLY A 240 -0.04 -30.52 1.40
C GLY A 240 -1.46 -30.67 1.93
N LYS A 241 -2.06 -31.85 1.83
CA LYS A 241 -3.38 -32.08 2.44
C LYS A 241 -3.23 -32.25 3.95
N ASP A 242 -2.03 -32.58 4.43
CA ASP A 242 -1.90 -32.97 5.85
C ASP A 242 -2.01 -31.71 6.72
N PRO A 243 -2.74 -31.76 7.83
CA PRO A 243 -2.95 -30.58 8.67
C PRO A 243 -1.68 -29.87 9.16
N ASP A 244 -0.57 -30.58 9.38
CA ASP A 244 0.68 -29.92 9.83
C ASP A 244 1.27 -28.98 8.77
N THR A 245 0.73 -28.99 7.55
CA THR A 245 1.20 -28.17 6.44
C THR A 245 0.23 -27.00 6.23
N TRP A 246 -0.86 -26.90 6.97
CA TRP A 246 -1.93 -25.95 6.59
C TRP A 246 -1.51 -24.49 6.82
N GLY A 247 -0.54 -24.23 7.65
CA GLY A 247 -0.01 -22.86 7.77
C GLY A 247 0.94 -22.50 6.64
N MET A 248 1.23 -23.43 5.70
CA MET A 248 2.12 -23.13 4.56
C MET A 248 1.27 -22.81 3.35
N PHE A 249 1.56 -21.67 2.73
CA PHE A 249 0.77 -21.18 1.57
C PHE A 249 1.78 -20.65 0.60
N SER A 250 1.75 -21.20 -0.60
N SER A 250 1.75 -21.20 -0.61
CA SER A 250 2.75 -20.94 -1.67
CA SER A 250 2.74 -20.92 -1.68
C SER A 250 2.06 -20.27 -2.88
C SER A 250 2.06 -20.26 -2.87
N LEU A 251 2.77 -19.31 -3.46
CA LEU A 251 2.36 -18.65 -4.72
C LEU A 251 3.47 -18.94 -5.70
N LEU A 252 3.22 -19.79 -6.69
CA LEU A 252 4.20 -20.05 -7.75
C LEU A 252 3.85 -19.16 -8.95
N LYS A 253 4.67 -18.16 -9.21
CA LYS A 253 4.43 -17.15 -10.27
C LYS A 253 5.16 -17.64 -11.50
N LEU A 254 4.44 -18.37 -12.33
CA LEU A 254 4.96 -18.89 -13.62
C LEU A 254 4.86 -17.72 -14.59
N THR A 255 5.89 -16.89 -14.56
CA THR A 255 5.93 -15.64 -15.35
C THR A 255 6.14 -15.97 -16.82
N HIS A 256 5.67 -15.07 -17.67
CA HIS A 256 6.10 -15.09 -19.08
C HIS A 256 7.63 -14.98 -19.12
N ARG A 257 8.28 -15.67 -20.07
CA ARG A 257 9.74 -15.74 -20.10
C ARG A 257 10.39 -14.34 -20.13
N SER A 258 9.70 -13.37 -20.67
CA SER A 258 10.21 -11.99 -20.80
C SER A 258 10.36 -11.35 -19.41
N ALA A 259 9.83 -11.96 -18.35
CA ALA A 259 10.04 -11.47 -16.98
C ALA A 259 11.40 -11.91 -16.42
N GLY A 260 12.09 -12.87 -17.04
CA GLY A 260 13.44 -13.19 -16.60
C GLY A 260 13.52 -14.31 -15.60
N GLN A 261 12.62 -14.32 -14.61
CA GLN A 261 12.63 -15.33 -13.56
C GLN A 261 11.20 -15.74 -13.21
N ILE A 262 11.07 -17.00 -12.87
CA ILE A 262 9.89 -17.60 -12.20
C ILE A 262 10.14 -17.42 -10.70
N VAL A 263 9.13 -17.05 -9.93
CA VAL A 263 9.32 -16.79 -8.47
C VAL A 263 8.26 -17.58 -7.71
N MET A 264 8.70 -18.28 -6.69
CA MET A 264 7.80 -18.98 -5.76
C MET A 264 7.93 -18.26 -4.41
N LEU A 265 6.83 -17.72 -3.91
CA LEU A 265 6.80 -17.08 -2.58
C LEU A 265 5.96 -17.92 -1.66
N THR A 266 6.55 -18.36 -0.56
CA THR A 266 5.86 -19.19 0.42
C THR A 266 5.81 -18.48 1.78
N GLN A 267 4.65 -18.47 2.38
CA GLN A 267 4.47 -18.06 3.77
C GLN A 267 4.29 -19.33 4.60
N PHE A 268 4.85 -19.29 5.80
CA PHE A 268 4.78 -20.47 6.69
C PHE A 268 4.58 -20.06 8.13
N CYS A 269 3.62 -20.68 8.79
CA CYS A 269 3.60 -20.89 10.23
C CYS A 269 3.20 -22.34 10.53
N ASN A 270 3.53 -22.77 11.74
CA ASN A 270 2.87 -23.96 12.30
C ASN A 270 1.40 -23.69 12.50
N PRO A 271 0.57 -24.73 12.63
CA PRO A 271 -0.85 -24.50 12.88
C PRO A 271 -1.19 -23.61 14.07
N ASP A 272 -0.33 -23.59 15.07
CA ASP A 272 -0.55 -22.78 16.28
C ASP A 272 -0.15 -21.31 16.04
N GLY A 273 0.21 -20.90 14.83
CA GLY A 273 0.50 -19.49 14.49
C GLY A 273 1.91 -19.05 14.82
N THR A 274 2.76 -19.98 15.24
CA THR A 274 4.17 -19.70 15.58
C THR A 274 5.06 -20.27 14.50
N CYS A 275 6.37 -19.98 14.56
CA CYS A 275 7.40 -20.67 13.77
C CYS A 275 8.29 -21.50 14.70
N ARG A 276 7.69 -22.18 15.66
CA ARG A 276 8.46 -23.03 16.63
C ARG A 276 9.17 -24.16 15.87
N ASP A 277 8.68 -24.59 14.71
CA ASP A 277 9.29 -25.73 13.98
C ASP A 277 9.18 -25.49 12.49
N LEU A 278 10.27 -25.15 11.83
CA LEU A 278 10.27 -24.91 10.35
C LEU A 278 10.43 -26.20 9.55
N SER A 279 10.45 -27.39 10.15
CA SER A 279 10.66 -28.68 9.43
C SER A 279 9.82 -28.79 8.15
N VAL A 280 8.52 -28.54 8.24
CA VAL A 280 7.64 -28.71 7.06
C VAL A 280 8.10 -27.77 5.95
N LEU A 281 8.42 -26.54 6.29
CA LEU A 281 8.89 -25.60 5.24
C LEU A 281 10.22 -26.05 4.65
N ASN A 282 11.16 -26.43 5.51
CA ASN A 282 12.49 -26.86 5.01
C ASN A 282 12.32 -28.04 4.05
N ASP A 283 11.45 -28.97 4.40
CA ASP A 283 11.24 -30.22 3.64
C ASP A 283 10.63 -29.82 2.30
N PHE A 284 9.67 -28.89 2.32
CA PHE A 284 9.02 -28.45 1.06
C PHE A 284 10.05 -27.79 0.17
N LEU A 285 10.83 -26.87 0.70
CA LEU A 285 11.80 -26.10 -0.10
C LEU A 285 12.92 -27.01 -0.65
N ALA A 286 13.27 -28.05 0.09
CA ALA A 286 14.39 -28.95 -0.26
C ALA A 286 14.10 -29.66 -1.59
N ARG A 287 12.83 -29.82 -1.99
CA ARG A 287 12.43 -30.46 -3.28
C ARG A 287 12.97 -29.64 -4.46
N PHE A 288 13.19 -28.34 -4.24
CA PHE A 288 13.68 -27.36 -5.23
C PHE A 288 15.16 -27.09 -4.95
N ARG A 289 16.01 -27.99 -5.45
CA ARG A 289 17.49 -27.94 -5.36
C ARG A 289 17.99 -26.58 -5.87
N ALA A 290 18.90 -25.94 -5.13
CA ALA A 290 19.65 -24.73 -5.56
C ALA A 290 20.76 -25.13 -6.54
N CYS A 291 21.00 -24.30 -7.55
CA CYS A 291 22.12 -24.49 -8.52
C CYS A 291 23.47 -24.44 -7.76
N ALA A 292 23.72 -23.41 -6.95
CA ALA A 292 25.00 -23.19 -6.24
C ALA A 292 24.91 -23.76 -4.81
N LEU A 314 17.52 -32.10 -12.31
CA LEU A 314 18.16 -31.25 -13.34
C LEU A 314 17.75 -29.77 -13.17
N LEU A 315 16.46 -29.51 -12.95
CA LEU A 315 15.97 -28.18 -12.44
C LEU A 315 16.78 -27.75 -11.21
N CYS A 316 17.07 -26.44 -11.11
CA CYS A 316 17.77 -25.85 -9.96
C CYS A 316 17.43 -24.38 -9.83
N SER A 317 17.44 -23.88 -8.59
CA SER A 317 16.94 -22.54 -8.23
C SER A 317 18.07 -21.58 -7.91
N LYS A 318 17.76 -20.28 -7.92
CA LYS A 318 18.60 -19.25 -7.30
C LYS A 318 18.63 -19.59 -5.81
N PRO A 319 19.58 -19.00 -5.06
CA PRO A 319 19.70 -19.34 -3.64
C PRO A 319 18.38 -19.01 -2.91
N HIS A 320 17.94 -19.90 -2.01
CA HIS A 320 16.67 -19.73 -1.28
C HIS A 320 16.86 -18.60 -0.27
N THR A 321 15.86 -17.74 -0.09
CA THR A 321 15.86 -16.71 0.97
C THR A 321 14.71 -17.07 1.92
N VAL A 322 14.97 -17.22 3.20
CA VAL A 322 13.94 -17.47 4.24
C VAL A 322 14.13 -16.42 5.31
N VAL A 323 13.10 -15.60 5.52
CA VAL A 323 13.20 -14.50 6.46
C VAL A 323 12.03 -14.64 7.44
N ARG A 324 12.30 -14.57 8.73
CA ARG A 324 11.24 -14.63 9.76
C ARG A 324 10.75 -13.22 10.08
N TYR A 325 9.44 -13.13 10.28
CA TYR A 325 8.79 -11.87 10.65
C TYR A 325 7.73 -12.13 11.68
N ASP A 326 7.35 -11.11 12.44
CA ASP A 326 6.03 -11.22 13.06
C ASP A 326 4.97 -11.18 11.95
N TRP A 327 3.82 -11.77 12.20
CA TRP A 327 2.79 -11.96 11.17
C TRP A 327 2.33 -10.61 10.61
N LEU A 328 2.09 -9.63 11.47
CA LEU A 328 1.55 -8.36 10.93
C LEU A 328 2.55 -7.76 9.95
N THR A 329 3.81 -7.81 10.28
CA THR A 329 4.88 -7.20 9.50
C THR A 329 4.98 -7.93 8.14
N ALA A 330 4.96 -9.25 8.14
CA ALA A 330 4.93 -10.00 6.88
C ALA A 330 3.71 -9.63 6.05
N THR A 331 2.58 -9.51 6.70
CA THR A 331 1.32 -9.16 6.04
C THR A 331 1.44 -7.79 5.38
N GLN A 332 2.12 -6.85 6.00
CA GLN A 332 2.33 -5.56 5.32
C GLN A 332 3.26 -5.74 4.12
N THR A 333 4.36 -6.49 4.27
CA THR A 333 5.39 -6.54 3.21
C THR A 333 4.83 -7.23 1.97
N VAL A 334 3.80 -8.05 2.09
CA VAL A 334 3.21 -8.77 0.93
C VAL A 334 1.90 -8.12 0.45
N ASN A 335 1.56 -6.94 0.93
CA ASN A 335 0.23 -6.37 0.65
C ASN A 335 0.12 -5.58 -0.64
N GLY A 336 1.13 -5.60 -1.52
CA GLY A 336 1.02 -4.73 -2.69
C GLY A 336 -0.11 -5.13 -3.61
N SER A 337 -0.64 -4.16 -4.34
N SER A 337 -0.62 -4.14 -4.33
CA SER A 337 -1.72 -4.36 -5.33
CA SER A 337 -1.71 -4.25 -5.33
C SER A 337 -1.18 -4.35 -6.76
C SER A 337 -1.17 -4.36 -6.75
N GLY A 338 0.08 -4.01 -6.93
CA GLY A 338 0.61 -3.76 -8.29
C GLY A 338 0.12 -2.40 -8.77
N PRO A 339 0.61 -2.02 -9.95
CA PRO A 339 0.30 -0.72 -10.53
C PRO A 339 -1.14 -0.57 -10.96
N ASN A 340 -1.60 0.70 -11.00
CA ASN A 340 -2.89 1.06 -11.61
C ASN A 340 -2.70 1.05 -13.14
N GLN A 341 -3.30 0.05 -13.78
CA GLN A 341 -3.13 -0.24 -15.22
C GLN A 341 -4.29 -1.09 -15.72
N ARG A 342 -4.10 -1.71 -16.88
CA ARG A 342 -5.11 -2.55 -17.52
C ARG A 342 -4.77 -4.01 -17.21
N GLY A 343 -5.80 -4.79 -16.91
CA GLY A 343 -5.59 -6.19 -16.56
C GLY A 343 -6.65 -7.09 -17.15
N LYS A 344 -6.24 -8.33 -17.43
CA LYS A 344 -7.17 -9.41 -17.79
C LYS A 344 -6.75 -10.66 -17.01
N TYR A 345 -7.76 -11.40 -16.56
CA TYR A 345 -7.56 -12.45 -15.56
C TYR A 345 -8.43 -13.62 -15.89
N LYS A 346 -7.93 -14.80 -15.51
CA LYS A 346 -8.73 -16.02 -15.64
C LYS A 346 -8.40 -16.94 -14.46
N SER A 347 -9.26 -17.92 -14.21
CA SER A 347 -9.11 -18.78 -13.00
C SER A 347 -9.31 -20.24 -13.33
N ALA A 348 -8.75 -21.08 -12.48
CA ALA A 348 -9.05 -22.54 -12.56
C ALA A 348 -8.77 -23.17 -11.22
N TYR A 349 -9.65 -24.03 -10.80
CA TYR A 349 -9.46 -24.90 -9.62
C TYR A 349 -8.93 -26.27 -10.06
N MET A 350 -7.83 -26.69 -9.48
CA MET A 350 -7.21 -28.01 -9.79
C MET A 350 -7.36 -28.93 -8.59
N LYS A 351 -7.89 -30.16 -8.83
CA LYS A 351 -7.95 -31.22 -7.80
C LYS A 351 -6.70 -32.07 -7.83
N ARG A 352 -5.88 -32.01 -8.88
CA ARG A 352 -4.74 -32.93 -9.04
C ARG A 352 -3.48 -32.14 -9.36
N GLY A 353 -2.34 -32.82 -9.41
CA GLY A 353 -1.12 -32.29 -10.02
C GLY A 353 -1.34 -32.02 -11.49
N PHE A 354 -0.40 -31.32 -12.08
CA PHE A 354 -0.41 -31.00 -13.51
C PHE A 354 -0.23 -32.30 -14.31
N THR A 355 -0.96 -32.38 -15.42
CA THR A 355 -0.64 -33.38 -16.45
C THR A 355 0.60 -32.95 -17.21
N ALA A 356 1.26 -33.89 -17.92
CA ALA A 356 2.36 -33.52 -18.83
C ALA A 356 1.85 -32.56 -19.93
N ARG A 357 0.65 -32.73 -20.43
CA ARG A 357 0.08 -31.85 -21.46
C ARG A 357 -0.15 -30.44 -20.89
N GLU A 358 -0.67 -30.33 -19.68
CA GLU A 358 -0.81 -28.99 -19.06
C GLU A 358 0.56 -28.33 -19.00
N ALA A 359 1.56 -29.01 -18.49
CA ALA A 359 2.90 -28.43 -18.27
C ALA A 359 3.47 -27.98 -19.60
N GLN A 360 3.25 -28.78 -20.64
CA GLN A 360 3.77 -28.42 -21.96
C GLN A 360 3.01 -27.23 -22.56
N ARG A 361 1.69 -27.20 -22.45
CA ARG A 361 0.91 -26.07 -23.00
C ARG A 361 1.24 -24.80 -22.24
N ILE A 362 1.43 -24.91 -20.93
CA ILE A 362 1.76 -23.69 -20.14
C ILE A 362 3.11 -23.19 -20.63
N TYR A 363 4.08 -24.10 -20.84
CA TYR A 363 5.43 -23.67 -21.25
C TYR A 363 5.31 -22.94 -22.59
N THR A 364 4.54 -23.53 -23.53
CA THR A 364 4.37 -22.95 -24.87
C THR A 364 3.93 -21.49 -24.72
N HIS A 365 2.89 -21.24 -23.95
CA HIS A 365 2.31 -19.87 -23.94
C HIS A 365 3.19 -18.89 -23.18
N LEU A 366 3.90 -19.37 -22.15
CA LEU A 366 4.79 -18.50 -21.37
C LEU A 366 6.05 -18.17 -22.17
N THR A 367 6.34 -18.93 -23.26
CA THR A 367 7.55 -18.68 -24.07
C THR A 367 7.15 -18.06 -25.42
N ARG A 368 5.88 -17.78 -25.63
CA ARG A 368 5.38 -17.23 -26.90
C ARG A 368 5.66 -15.72 -26.96
N THR A 369 6.30 -15.29 -28.06
CA THR A 369 6.58 -13.88 -28.37
C THR A 369 5.37 -13.34 -29.14
N VAL A 370 4.86 -12.20 -28.71
CA VAL A 370 3.76 -11.50 -29.41
C VAL A 370 4.31 -10.15 -29.81
N PRO A 371 4.53 -9.93 -31.14
CA PRO A 371 5.18 -8.70 -31.58
C PRO A 371 4.32 -7.50 -31.15
N GLY A 372 4.95 -6.49 -30.61
CA GLY A 372 4.26 -5.22 -30.33
C GLY A 372 3.63 -5.20 -28.97
N ILE A 373 3.71 -6.27 -28.18
CA ILE A 373 3.20 -6.17 -26.79
C ILE A 373 4.25 -6.69 -25.83
N ASP A 374 4.19 -6.14 -24.63
CA ASP A 374 5.11 -6.44 -23.52
C ASP A 374 4.37 -7.40 -22.60
N LEU A 375 4.78 -8.66 -22.60
CA LEU A 375 4.18 -9.68 -21.74
C LEU A 375 4.98 -9.84 -20.45
N SER A 376 5.90 -8.95 -20.13
CA SER A 376 6.81 -9.14 -18.98
C SER A 376 6.07 -9.07 -17.65
N GLN A 377 4.88 -8.47 -17.63
CA GLN A 377 4.09 -8.46 -16.37
C GLN A 377 3.12 -9.63 -16.29
N SER A 378 3.14 -10.54 -17.26
CA SER A 378 2.09 -11.56 -17.43
C SER A 378 2.57 -12.87 -16.79
N LEU A 379 1.63 -13.67 -16.32
CA LEU A 379 2.00 -14.87 -15.55
C LEU A 379 0.79 -15.78 -15.38
N LEU A 380 1.10 -17.02 -15.09
CA LEU A 380 0.14 -17.98 -14.50
C LEU A 380 0.57 -18.15 -13.07
N GLN A 381 -0.28 -17.72 -12.13
CA GLN A 381 0.03 -17.91 -10.70
C GLN A 381 -0.67 -19.19 -10.25
N VAL A 382 0.09 -20.05 -9.58
CA VAL A 382 -0.42 -21.32 -9.05
C VAL A 382 -0.32 -21.27 -7.53
N ASP A 383 -1.45 -21.13 -6.90
CA ASP A 383 -1.53 -21.03 -5.44
C ASP A 383 -1.72 -22.42 -4.87
N SER A 384 -0.97 -22.74 -3.83
CA SER A 384 -1.33 -23.86 -2.94
C SER A 384 -2.75 -23.63 -2.49
N TYR A 385 -3.55 -24.67 -2.37
CA TYR A 385 -4.93 -24.51 -1.94
C TYR A 385 -5.38 -25.67 -1.07
N GLY A 386 -6.64 -25.61 -0.65
CA GLY A 386 -7.29 -26.70 0.12
C GLY A 386 -7.06 -26.51 1.59
N GLY A 387 -6.53 -27.54 2.27
CA GLY A 387 -6.47 -27.46 3.73
C GLY A 387 -7.80 -27.20 4.36
N ALA A 388 -7.89 -26.22 5.27
CA ALA A 388 -9.12 -25.88 6.00
C ALA A 388 -10.21 -25.34 5.07
N VAL A 389 -9.90 -24.97 3.83
CA VAL A 389 -10.96 -24.65 2.85
C VAL A 389 -11.82 -25.90 2.61
N ASN A 390 -11.16 -27.06 2.62
CA ASN A 390 -11.75 -28.27 2.00
C ASN A 390 -12.55 -29.05 3.04
N LYS A 391 -13.54 -28.40 3.55
CA LYS A 391 -14.48 -28.91 4.56
C LYS A 391 -15.79 -29.08 3.81
N THR A 392 -16.19 -30.31 3.52
CA THR A 392 -17.36 -30.57 2.66
C THR A 392 -18.64 -30.08 3.34
N GLU A 393 -18.68 -29.90 4.66
CA GLU A 393 -19.88 -29.38 5.33
C GLU A 393 -20.14 -27.95 4.81
N ARG A 394 -19.14 -27.24 4.28
CA ARG A 394 -19.37 -25.87 3.77
C ARG A 394 -20.03 -25.90 2.40
N ILE A 395 -20.11 -27.05 1.72
CA ILE A 395 -20.82 -27.09 0.43
C ILE A 395 -22.29 -26.73 0.65
N ALA A 396 -22.90 -27.25 1.69
CA ALA A 396 -24.35 -27.05 1.89
C ALA A 396 -24.69 -25.70 2.48
N ASP A 397 -23.77 -25.01 3.17
CA ASP A 397 -24.19 -23.77 3.86
C ASP A 397 -23.43 -22.54 3.35
N THR A 398 -22.67 -22.70 2.30
CA THR A 398 -22.02 -21.57 1.59
C THR A 398 -22.31 -21.69 0.12
N ALA A 399 -21.97 -20.64 -0.64
CA ALA A 399 -22.09 -20.61 -2.10
C ALA A 399 -20.70 -20.75 -2.73
N VAL A 400 -19.80 -21.46 -2.05
CA VAL A 400 -18.47 -21.82 -2.58
C VAL A 400 -18.41 -23.32 -2.64
N PRO A 401 -18.78 -23.93 -3.79
CA PRO A 401 -18.81 -25.38 -3.85
C PRO A 401 -17.48 -26.07 -4.03
N GLN A 402 -16.45 -25.29 -4.34
CA GLN A 402 -15.13 -25.87 -4.63
C GLN A 402 -14.37 -26.15 -3.33
N ARG A 403 -14.57 -27.34 -2.78
CA ARG A 403 -14.06 -27.72 -1.46
C ARG A 403 -13.24 -29.01 -1.62
N ALA A 404 -12.67 -29.23 -2.80
CA ALA A 404 -11.79 -30.39 -3.01
C ALA A 404 -10.60 -30.08 -3.90
N SER A 405 -10.24 -28.81 -4.04
CA SER A 405 -9.12 -28.42 -4.90
C SER A 405 -7.86 -28.29 -4.07
N VAL A 406 -6.73 -28.58 -4.71
CA VAL A 406 -5.41 -28.53 -4.05
C VAL A 406 -4.55 -27.41 -4.58
N MET A 407 -4.92 -26.82 -5.72
CA MET A 407 -4.25 -25.63 -6.29
C MET A 407 -5.32 -24.74 -6.89
N LYS A 408 -5.07 -23.44 -6.86
CA LYS A 408 -5.98 -22.43 -7.42
C LYS A 408 -5.14 -21.54 -8.31
N LEU A 409 -5.54 -21.42 -9.56
CA LEU A 409 -4.74 -20.78 -10.61
C LEU A 409 -5.38 -19.46 -11.02
N GLN A 410 -4.51 -18.47 -11.15
CA GLN A 410 -4.91 -17.15 -11.65
C GLN A 410 -3.99 -16.82 -12.80
N TYR A 411 -4.53 -16.85 -14.00
CA TYR A 411 -3.88 -16.40 -15.23
C TYR A 411 -4.01 -14.88 -15.23
N GLN A 412 -2.92 -14.17 -15.53
CA GLN A 412 -2.91 -12.68 -15.42
C GLN A 412 -2.12 -12.08 -16.58
N THR A 413 -2.64 -11.03 -17.19
CA THR A 413 -1.82 -10.20 -18.11
C THR A 413 -2.14 -8.76 -17.79
N TYR A 414 -1.10 -7.95 -17.80
CA TYR A 414 -1.24 -6.52 -17.44
C TYR A 414 -0.52 -5.70 -18.47
N TRP A 415 -1.07 -4.51 -18.71
CA TRP A 415 -0.49 -3.62 -19.72
C TRP A 415 -0.98 -2.20 -19.51
N THR A 416 -0.36 -1.28 -20.22
CA THR A 416 -0.62 0.18 -20.02
C THR A 416 -1.67 0.73 -20.97
N SER A 417 -1.49 0.53 -22.27
CA SER A 417 -2.26 1.26 -23.30
C SER A 417 -3.45 0.45 -23.86
N ALA A 418 -4.57 1.12 -24.08
CA ALA A 418 -5.73 0.56 -24.76
C ALA A 418 -5.34 0.05 -26.15
N ALA A 419 -4.34 0.65 -26.78
CA ALA A 419 -3.93 0.22 -28.14
C ALA A 419 -3.51 -1.25 -28.12
N ASP A 420 -3.05 -1.76 -26.99
CA ASP A 420 -2.48 -3.11 -26.85
C ASP A 420 -3.51 -4.11 -26.35
N ASP A 421 -4.76 -3.71 -26.14
CA ASP A 421 -5.78 -4.61 -25.56
C ASP A 421 -5.83 -5.89 -26.39
N ALA A 422 -5.98 -5.78 -27.71
CA ALA A 422 -6.26 -7.00 -28.49
C ALA A 422 -5.15 -8.04 -28.30
N GLY A 423 -3.90 -7.66 -28.29
CA GLY A 423 -2.76 -8.57 -28.20
C GLY A 423 -2.80 -9.28 -26.86
N HIS A 424 -3.05 -8.52 -25.80
CA HIS A 424 -3.08 -9.13 -24.45
C HIS A 424 -4.27 -10.08 -24.31
N LEU A 425 -5.43 -9.71 -24.77
CA LEU A 425 -6.63 -10.54 -24.61
C LEU A 425 -6.46 -11.82 -25.41
N ARG A 426 -5.82 -11.72 -26.56
CA ARG A 426 -5.61 -12.92 -27.41
C ARG A 426 -4.59 -13.82 -26.75
N TRP A 427 -3.50 -13.27 -26.26
CA TRP A 427 -2.45 -14.08 -25.63
C TRP A 427 -3.10 -14.91 -24.52
N ILE A 428 -3.80 -14.28 -23.59
CA ILE A 428 -4.31 -15.02 -22.41
C ILE A 428 -5.49 -15.90 -22.82
N GLY A 429 -6.30 -15.48 -23.79
CA GLY A 429 -7.43 -16.29 -24.26
C GLY A 429 -6.94 -17.60 -24.90
N ASP A 430 -5.94 -17.50 -25.75
CA ASP A 430 -5.41 -18.68 -26.46
C ASP A 430 -4.75 -19.61 -25.44
N PHE A 431 -4.02 -19.04 -24.49
CA PHE A 431 -3.27 -19.79 -23.47
C PHE A 431 -4.27 -20.64 -22.74
N TYR A 432 -5.29 -20.03 -22.15
CA TYR A 432 -6.28 -20.75 -21.32
C TYR A 432 -7.01 -21.82 -22.13
N ARG A 433 -7.50 -21.46 -23.32
CA ARG A 433 -8.26 -22.37 -24.17
C ARG A 433 -7.37 -23.62 -24.42
N ASP A 434 -6.08 -23.43 -24.63
CA ASP A 434 -5.16 -24.53 -24.97
C ASP A 434 -4.96 -25.42 -23.74
N VAL A 435 -4.67 -24.84 -22.57
CA VAL A 435 -4.43 -25.67 -21.37
C VAL A 435 -5.64 -26.56 -21.09
N TYR A 436 -6.84 -26.03 -21.20
CA TYR A 436 -8.09 -26.76 -20.88
C TYR A 436 -8.72 -27.35 -22.16
N GLY A 437 -7.88 -27.69 -23.12
CA GLY A 437 -8.36 -28.25 -24.40
C GLY A 437 -8.48 -29.76 -24.34
N THR A 438 -8.87 -30.36 -25.47
CA THR A 438 -9.47 -31.72 -25.54
C THR A 438 -8.91 -32.63 -24.44
N PRO A 439 -7.89 -33.49 -24.63
CA PRO A 439 -7.88 -34.76 -23.90
C PRO A 439 -8.30 -34.65 -22.43
N ASP A 440 -7.67 -33.77 -21.68
CA ASP A 440 -7.81 -33.59 -20.19
C ASP A 440 -9.25 -33.10 -19.88
N VAL A 441 -9.93 -32.53 -20.91
CA VAL A 441 -11.31 -31.95 -20.87
C VAL A 441 -12.11 -32.53 -22.03
N SER A 442 -13.38 -32.85 -21.82
CA SER A 442 -14.29 -33.39 -22.86
C SER A 442 -14.43 -32.38 -24.01
N ALA A 443 -14.75 -32.84 -25.21
CA ALA A 443 -14.94 -31.96 -26.38
C ALA A 443 -16.02 -30.91 -26.08
N PRO A 444 -17.19 -31.25 -25.49
CA PRO A 444 -18.23 -30.26 -25.22
C PRO A 444 -17.77 -29.12 -24.29
N HIS A 445 -16.82 -29.42 -23.41
CA HIS A 445 -16.41 -28.40 -22.39
C HIS A 445 -15.03 -27.85 -22.74
N ALA A 446 -14.43 -28.23 -23.85
CA ALA A 446 -13.02 -27.91 -24.15
C ALA A 446 -12.82 -26.39 -24.12
N GLY A 447 -11.72 -25.99 -23.51
CA GLY A 447 -11.35 -24.57 -23.35
C GLY A 447 -11.70 -24.09 -21.94
N THR A 448 -12.28 -24.95 -21.10
CA THR A 448 -12.70 -24.54 -19.73
C THR A 448 -12.31 -25.63 -18.75
N PRO A 449 -11.97 -25.26 -17.50
CA PRO A 449 -11.59 -26.26 -16.51
C PRO A 449 -12.84 -26.84 -15.86
N TYR A 450 -13.67 -27.51 -16.66
CA TYR A 450 -15.04 -27.88 -16.27
C TYR A 450 -15.00 -28.84 -15.09
N PRO A 451 -15.85 -28.64 -14.08
CA PRO A 451 -15.85 -29.49 -12.88
C PRO A 451 -16.01 -30.97 -13.21
N GLY A 452 -15.22 -31.76 -12.55
CA GLY A 452 -15.23 -33.23 -12.75
C GLY A 452 -14.16 -33.85 -11.94
N ASP A 453 -13.54 -34.89 -12.49
CA ASP A 453 -12.53 -35.62 -11.71
C ASP A 453 -11.23 -34.82 -11.58
N ARG A 454 -11.02 -33.81 -12.41
CA ARG A 454 -9.70 -33.14 -12.50
C ARG A 454 -9.79 -31.69 -11.97
N TYR A 455 -10.84 -31.00 -12.31
CA TYR A 455 -10.99 -29.55 -12.01
C TYR A 455 -12.25 -29.30 -11.23
N GLU A 456 -12.35 -28.08 -10.64
CA GLU A 456 -13.57 -27.60 -10.01
C GLU A 456 -14.00 -26.26 -10.59
N GLY A 457 -13.62 -25.96 -11.80
CA GLY A 457 -14.14 -24.74 -12.44
C GLY A 457 -13.39 -23.48 -12.06
N CYS A 458 -14.17 -22.43 -11.83
CA CYS A 458 -13.72 -21.03 -11.81
C CYS A 458 -14.21 -20.34 -10.55
N TYR A 459 -13.49 -19.30 -10.19
CA TYR A 459 -13.69 -18.50 -8.96
C TYR A 459 -14.32 -17.15 -9.30
N ILE A 460 -15.47 -16.87 -8.73
CA ILE A 460 -16.29 -15.67 -9.11
C ILE A 460 -15.55 -14.36 -8.78
N ASN A 461 -14.63 -14.32 -7.81
CA ASN A 461 -13.83 -13.10 -7.53
C ASN A 461 -12.72 -12.90 -8.56
N TYR A 462 -12.47 -13.87 -9.42
CA TYR A 462 -11.59 -13.73 -10.60
C TYR A 462 -12.45 -13.93 -11.82
N PRO A 463 -13.51 -13.13 -12.02
CA PRO A 463 -14.49 -13.40 -13.06
C PRO A 463 -13.87 -13.16 -14.45
N ASP A 464 -14.37 -13.89 -15.42
CA ASP A 464 -13.79 -13.91 -16.77
C ASP A 464 -14.97 -13.91 -17.76
N VAL A 465 -15.29 -12.78 -18.36
CA VAL A 465 -16.43 -12.70 -19.31
C VAL A 465 -16.19 -13.55 -20.56
N ASP A 466 -14.99 -14.00 -20.80
CA ASP A 466 -14.74 -14.94 -21.93
C ASP A 466 -15.57 -16.18 -21.68
N MET A 467 -15.85 -16.52 -20.43
CA MET A 467 -16.60 -17.76 -20.13
C MET A 467 -18.06 -17.62 -20.57
N LEU A 468 -18.59 -16.43 -20.82
CA LEU A 468 -19.99 -16.23 -21.30
C LEU A 468 -20.16 -16.83 -22.70
N ALA A 469 -19.06 -17.11 -23.38
CA ALA A 469 -19.09 -17.78 -24.72
C ALA A 469 -19.66 -19.17 -24.53
N TYR A 470 -19.60 -19.76 -23.33
CA TYR A 470 -20.03 -21.15 -23.06
C TYR A 470 -21.34 -21.12 -22.30
N PRO A 471 -22.42 -21.81 -22.76
CA PRO A 471 -23.69 -21.77 -22.08
C PRO A 471 -23.68 -22.35 -20.66
N PHE A 472 -22.62 -23.12 -20.37
CA PHE A 472 -22.43 -23.78 -19.06
C PHE A 472 -21.54 -22.94 -18.14
N TRP A 473 -21.34 -21.67 -18.44
CA TRP A 473 -20.53 -20.81 -17.52
C TRP A 473 -21.05 -20.86 -16.09
N PRO A 474 -22.35 -20.89 -15.79
CA PRO A 474 -22.77 -20.92 -14.39
C PRO A 474 -22.25 -22.18 -13.68
N GLN A 475 -22.08 -23.29 -14.40
CA GLN A 475 -21.58 -24.51 -13.74
C GLN A 475 -20.07 -24.39 -13.48
N LEU A 476 -19.35 -23.56 -14.23
CA LEU A 476 -17.92 -23.33 -13.94
C LEU A 476 -17.81 -22.65 -12.57
N TYR A 477 -18.62 -21.64 -12.34
CA TYR A 477 -18.50 -20.81 -11.11
C TYR A 477 -19.18 -21.50 -9.95
N TYR A 478 -20.31 -22.20 -10.18
CA TYR A 478 -21.17 -22.64 -9.09
C TYR A 478 -21.31 -24.16 -9.03
N GLY A 479 -20.53 -24.83 -9.84
CA GLY A 479 -20.48 -26.32 -9.86
C GLY A 479 -21.56 -26.92 -10.73
N ASP A 480 -21.45 -28.24 -10.89
CA ASP A 480 -22.29 -29.11 -11.72
C ASP A 480 -23.56 -29.51 -10.98
N GLY A 481 -23.70 -29.18 -9.71
CA GLY A 481 -24.83 -29.59 -8.88
C GLY A 481 -25.92 -28.55 -8.79
N ASP A 482 -26.53 -28.43 -7.63
CA ASP A 482 -27.79 -27.68 -7.51
C ASP A 482 -27.57 -26.22 -7.10
N LEU A 483 -26.33 -25.75 -7.01
CA LEU A 483 -26.13 -24.41 -6.40
C LEU A 483 -26.70 -23.32 -7.30
N TYR A 484 -26.45 -23.35 -8.59
CA TYR A 484 -26.90 -22.26 -9.48
C TYR A 484 -28.41 -22.15 -9.41
N ALA A 485 -29.14 -23.28 -9.48
CA ALA A 485 -30.60 -23.22 -9.40
C ALA A 485 -31.05 -22.62 -8.06
N PHE A 486 -30.34 -22.95 -7.00
CA PHE A 486 -30.56 -22.39 -5.67
C PHE A 486 -30.39 -20.87 -5.73
N LEU A 487 -29.29 -20.45 -6.36
CA LEU A 487 -29.04 -18.99 -6.47
C LEU A 487 -30.13 -18.29 -7.32
N GLN A 488 -30.62 -18.98 -8.35
CA GLN A 488 -31.71 -18.41 -9.18
C GLN A 488 -32.97 -18.27 -8.33
N ARG A 489 -33.24 -19.20 -7.42
CA ARG A 489 -34.40 -19.06 -6.52
C ARG A 489 -34.20 -17.89 -5.57
N VAL A 490 -32.98 -17.72 -5.03
CA VAL A 490 -32.72 -16.57 -4.14
C VAL A 490 -32.94 -15.28 -4.95
N LYS A 491 -32.42 -15.28 -6.16
CA LYS A 491 -32.54 -14.11 -7.06
C LYS A 491 -34.02 -13.73 -7.27
N ARG A 492 -34.87 -14.72 -7.59
CA ARG A 492 -36.31 -14.45 -7.81
C ARG A 492 -36.95 -13.94 -6.53
N ARG A 493 -36.58 -14.48 -5.38
CA ARG A 493 -37.23 -14.10 -4.12
C ARG A 493 -36.76 -12.72 -3.64
N TYR A 494 -35.47 -12.42 -3.73
CA TYR A 494 -34.92 -11.21 -3.05
C TYR A 494 -34.59 -10.06 -4.02
N ASP A 495 -34.46 -10.34 -5.29
CA ASP A 495 -34.37 -9.28 -6.33
C ASP A 495 -35.33 -9.60 -7.47
N PRO A 496 -36.63 -9.64 -7.15
CA PRO A 496 -37.61 -10.05 -8.15
C PRO A 496 -37.65 -9.16 -9.39
N ASN A 497 -37.25 -7.90 -9.25
CA ASN A 497 -37.18 -6.96 -10.42
C ASN A 497 -35.83 -6.99 -11.15
N ASN A 498 -34.88 -7.84 -10.74
CA ASN A 498 -33.53 -7.86 -11.36
C ASN A 498 -33.00 -6.41 -11.43
N ILE A 499 -33.11 -5.72 -10.32
CA ILE A 499 -32.47 -4.39 -10.17
C ILE A 499 -30.95 -4.53 -10.31
N PHE A 500 -30.37 -5.57 -9.73
CA PHE A 500 -28.92 -5.75 -9.61
C PHE A 500 -28.47 -6.77 -10.64
N HIS A 501 -27.70 -6.33 -11.62
CA HIS A 501 -27.21 -7.27 -12.61
C HIS A 501 -25.87 -6.78 -13.19
N HIS A 502 -25.24 -7.64 -13.95
CA HIS A 502 -24.02 -7.35 -14.68
C HIS A 502 -23.76 -8.53 -15.59
N ALA A 503 -22.72 -8.49 -16.37
CA ALA A 503 -22.52 -9.50 -17.42
C ALA A 503 -22.52 -10.92 -16.84
N MET A 504 -22.05 -11.13 -15.63
CA MET A 504 -22.00 -12.49 -15.04
C MET A 504 -22.88 -12.60 -13.79
N SER A 505 -23.93 -11.84 -13.68
CA SER A 505 -24.87 -11.94 -12.56
C SER A 505 -25.77 -13.15 -12.70
N VAL A 506 -26.21 -13.65 -11.57
CA VAL A 506 -27.19 -14.77 -11.51
C VAL A 506 -28.44 -14.34 -12.27
N ARG A 507 -28.78 -15.15 -13.27
CA ARG A 507 -29.96 -14.84 -14.12
C ARG A 507 -31.23 -15.30 -13.42
N PRO A 508 -32.30 -14.49 -13.52
CA PRO A 508 -33.61 -14.88 -13.03
C PRO A 508 -34.13 -15.97 -13.99
N THR B 2 -8.71 3.01 25.63
CA THR B 2 -7.26 2.57 25.48
C THR B 2 -7.19 1.05 25.66
N LEU B 3 -6.47 0.39 24.78
CA LEU B 3 -6.17 -1.04 24.89
C LEU B 3 -4.72 -1.18 25.32
N ASP B 4 -4.46 -1.93 26.38
CA ASP B 4 -3.12 -2.09 26.94
C ASP B 4 -2.51 -3.34 26.32
N VAL B 5 -1.28 -3.24 25.87
CA VAL B 5 -0.50 -4.40 25.37
C VAL B 5 0.73 -4.55 26.24
N SER B 6 0.71 -5.57 27.14
CA SER B 6 1.79 -5.85 28.08
C SER B 6 2.83 -6.78 27.46
N ARG B 7 3.91 -7.05 28.17
CA ARG B 7 4.96 -7.96 27.66
C ARG B 7 4.44 -9.36 27.38
N GLN B 8 3.39 -9.78 28.05
CA GLN B 8 2.91 -11.18 27.94
C GLN B 8 1.86 -11.25 26.84
N ASP B 9 1.48 -10.11 26.26
CA ASP B 9 0.42 -10.11 25.22
C ASP B 9 0.96 -10.68 23.92
N PRO B 10 0.18 -11.46 23.14
CA PRO B 10 0.67 -11.98 21.87
C PRO B 10 1.06 -10.87 20.85
N ARG B 11 0.53 -9.69 21.02
CA ARG B 11 0.76 -8.53 20.12
C ARG B 11 2.04 -7.81 20.51
N TYR B 12 2.66 -8.11 21.64
CA TYR B 12 3.78 -7.29 22.17
C TYR B 12 4.97 -7.24 21.21
N ASN B 13 5.46 -8.39 20.74
CA ASN B 13 6.68 -8.36 19.92
C ASN B 13 6.41 -7.55 18.64
N THR B 14 5.20 -7.62 18.12
CA THR B 14 4.81 -6.89 16.88
C THR B 14 4.74 -5.41 17.18
N LEU B 15 4.06 -5.04 18.24
CA LEU B 15 3.72 -3.62 18.47
C LEU B 15 4.84 -2.87 19.22
N LYS B 16 5.89 -3.54 19.66
CA LYS B 16 7.03 -2.82 20.27
C LYS B 16 7.89 -2.13 19.21
N HIS B 17 7.73 -2.49 17.93
CA HIS B 17 8.49 -1.90 16.82
C HIS B 17 7.55 -1.16 15.89
N GLY B 18 8.18 -0.47 14.95
CA GLY B 18 7.52 0.24 13.86
C GLY B 18 8.05 -0.24 12.53
N PHE B 19 8.06 0.63 11.52
CA PHE B 19 8.37 0.22 10.15
C PHE B 19 9.85 -0.21 10.01
N ASN B 20 10.75 0.57 10.59
CA ASN B 20 12.20 0.29 10.52
C ASN B 20 12.49 -0.84 11.51
N LEU B 21 12.86 -2.03 11.03
CA LEU B 21 12.99 -3.18 11.96
C LEU B 21 14.26 -3.11 12.77
N ARG B 22 15.08 -2.08 12.60
CA ARG B 22 16.26 -1.95 13.45
C ARG B 22 15.89 -1.74 14.92
N TRP B 23 14.72 -1.17 15.20
CA TRP B 23 14.37 -0.68 16.54
C TRP B 23 13.25 -1.48 17.14
N PRO B 24 13.34 -1.88 18.42
CA PRO B 24 14.47 -1.62 19.31
C PRO B 24 15.67 -2.52 19.00
N SER B 25 16.87 -2.00 19.25
CA SER B 25 18.14 -2.72 18.96
C SER B 25 18.27 -3.98 19.81
N THR B 26 17.76 -3.97 21.04
CA THR B 26 17.81 -5.12 21.98
C THR B 26 16.49 -5.27 22.71
N ASP B 27 16.27 -6.42 23.33
CA ASP B 27 15.07 -6.64 24.18
C ASP B 27 15.06 -5.65 25.33
N ALA B 28 16.20 -5.38 25.95
CA ALA B 28 16.33 -4.49 27.13
C ALA B 28 15.87 -3.07 26.75
N GLN B 29 16.08 -2.67 25.49
CA GLN B 29 15.76 -1.28 25.08
C GLN B 29 14.27 -1.16 24.77
N ALA B 30 13.57 -2.26 24.64
CA ALA B 30 12.16 -2.20 24.22
C ALA B 30 11.30 -1.58 25.32
N ALA B 31 10.22 -0.91 24.91
CA ALA B 31 9.15 -0.52 25.83
C ALA B 31 8.64 -1.76 26.55
N GLY B 32 8.15 -1.57 27.75
CA GLY B 32 7.50 -2.69 28.48
C GLY B 32 6.03 -2.84 28.14
N ARG B 33 5.43 -1.83 27.51
CA ARG B 33 4.00 -1.90 27.17
C ARG B 33 3.66 -0.83 26.13
N ILE B 34 2.54 -1.08 25.45
CA ILE B 34 1.98 -0.16 24.43
C ILE B 34 0.59 0.20 24.86
N ALA B 35 0.25 1.46 24.86
CA ALA B 35 -1.11 1.95 25.14
C ALA B 35 -1.72 2.31 23.79
N LEU B 36 -2.63 1.51 23.28
CA LEU B 36 -3.33 1.81 22.00
C LEU B 36 -4.50 2.70 22.34
N CYS B 37 -4.37 4.01 22.14
CA CYS B 37 -5.45 4.96 22.40
C CYS B 37 -6.55 4.76 21.37
N GLU B 38 -7.79 4.76 21.79
CA GLU B 38 -8.93 4.48 20.87
C GLU B 38 -9.62 5.78 20.44
N LYS B 39 -9.48 6.84 21.22
CA LYS B 39 -10.08 8.15 20.85
C LYS B 39 -9.20 9.24 21.44
N ALA B 40 -9.37 10.47 20.97
CA ALA B 40 -8.51 11.58 21.39
C ALA B 40 -8.59 11.77 22.91
N ASP B 41 -9.76 11.52 23.49
CA ASP B 41 -9.95 11.76 24.94
C ASP B 41 -9.20 10.71 25.77
N ASP B 42 -8.74 9.62 25.16
CA ASP B 42 -7.95 8.60 25.88
C ASP B 42 -6.53 9.10 26.16
N VAL B 43 -6.05 10.10 25.39
CA VAL B 43 -4.60 10.36 25.37
C VAL B 43 -4.13 10.94 26.69
N ALA B 44 -4.80 11.96 27.21
CA ALA B 44 -4.34 12.53 28.49
C ALA B 44 -4.39 11.51 29.62
N PRO B 45 -5.48 10.76 29.84
CA PRO B 45 -5.47 9.74 30.87
C PRO B 45 -4.45 8.63 30.68
N ALA B 46 -4.22 8.20 29.47
CA ALA B 46 -3.17 7.19 29.20
C ALA B 46 -1.80 7.74 29.60
N LEU B 47 -1.49 8.96 29.17
N LEU B 47 -1.54 8.98 29.22
CA LEU B 47 -0.23 9.64 29.55
CA LEU B 47 -0.24 9.61 29.52
C LEU B 47 -0.14 9.76 31.06
C LEU B 47 -0.13 9.83 31.03
N GLN B 48 -1.22 10.22 31.69
CA GLN B 48 -1.20 10.49 33.14
C GLN B 48 -0.86 9.20 33.88
N HIS B 49 -1.39 8.07 33.43
CA HIS B 49 -1.15 6.76 34.11
C HIS B 49 0.32 6.39 34.02
N ILE B 50 0.94 6.65 32.88
CA ILE B 50 2.39 6.42 32.69
C ILE B 50 3.24 7.34 33.55
N ILE B 51 3.02 8.64 33.44
CA ILE B 51 3.96 9.57 34.10
C ILE B 51 3.74 9.52 35.62
N ASP B 52 2.55 9.15 36.10
CA ASP B 52 2.26 9.10 37.55
C ASP B 52 3.22 8.14 38.25
N THR B 53 3.73 7.13 37.55
CA THR B 53 4.71 6.20 38.18
C THR B 53 6.13 6.60 37.82
N GLY B 54 6.36 7.68 37.07
CA GLY B 54 7.70 8.09 36.63
C GLY B 54 8.19 7.31 35.43
N MET B 55 7.31 6.50 34.84
CA MET B 55 7.61 5.82 33.56
C MET B 55 7.65 6.86 32.43
N ARG B 56 8.50 6.56 31.46
CA ARG B 56 8.69 7.43 30.30
C ARG B 56 7.78 7.01 29.17
N PRO B 57 7.03 7.96 28.58
CA PRO B 57 6.30 7.72 27.35
C PRO B 57 7.12 8.08 26.11
N THR B 58 7.03 7.24 25.10
CA THR B 58 7.33 7.62 23.70
C THR B 58 6.02 7.58 22.93
N VAL B 59 6.03 8.18 21.76
CA VAL B 59 4.79 8.50 21.06
C VAL B 59 4.84 7.95 19.64
N ARG B 60 3.79 7.28 19.21
CA ARG B 60 3.74 6.72 17.86
C ARG B 60 2.44 7.04 17.22
N SER B 61 2.48 7.36 15.93
CA SER B 61 1.29 7.44 15.09
C SER B 61 1.46 6.42 13.98
N GLY B 62 2.20 6.68 12.93
CA GLY B 62 2.35 5.71 11.82
C GLY B 62 3.51 4.78 11.98
N GLY B 63 4.43 5.03 12.90
CA GLY B 63 5.55 4.10 13.12
C GLY B 63 6.66 4.20 12.08
N HIS B 64 6.70 5.23 11.25
CA HIS B 64 7.76 5.35 10.21
C HIS B 64 9.07 5.98 10.68
N CYS B 65 9.23 6.34 11.93
CA CYS B 65 10.49 7.01 12.38
C CYS B 65 11.68 6.27 11.81
N TYR B 66 12.61 7.02 11.21
CA TYR B 66 13.83 6.41 10.69
C TYR B 66 14.75 6.00 11.82
N GLU B 67 14.65 6.64 12.98
CA GLU B 67 15.55 6.39 14.10
C GLU B 67 14.78 5.74 15.25
N ASP B 68 15.49 5.47 16.34
CA ASP B 68 14.96 4.71 17.48
C ASP B 68 14.10 5.53 18.43
N PHE B 69 13.58 6.69 18.00
CA PHE B 69 13.00 7.65 18.92
C PHE B 69 11.77 7.10 19.62
N VAL B 70 11.03 6.24 18.96
CA VAL B 70 9.80 5.65 19.55
C VAL B 70 10.13 4.33 20.27
N SER B 71 10.87 3.46 19.59
CA SER B 71 11.00 2.07 20.08
C SER B 71 12.14 1.87 21.07
N ASN B 72 13.10 2.80 21.15
CA ASN B 72 14.15 2.69 22.20
C ASN B 72 13.65 3.44 23.43
N ASN B 73 13.00 2.73 24.32
CA ASN B 73 12.41 3.34 25.51
C ASN B 73 12.38 2.27 26.59
N PRO B 74 13.53 2.02 27.21
CA PRO B 74 13.72 0.82 27.99
C PRO B 74 12.73 0.69 29.15
N ASP B 75 11.87 -0.31 29.04
CA ASP B 75 10.79 -0.57 30.02
C ASP B 75 9.87 0.64 30.22
N GLY B 76 9.77 1.50 29.21
CA GLY B 76 8.78 2.58 29.18
C GLY B 76 7.48 2.14 28.52
N ALA B 77 6.69 3.12 28.13
CA ALA B 77 5.40 2.90 27.46
C ALA B 77 5.44 3.60 26.11
N ILE B 78 4.98 2.90 25.08
CA ILE B 78 4.66 3.60 23.79
C ILE B 78 3.21 4.02 23.81
N VAL B 79 2.94 5.32 23.70
CA VAL B 79 1.57 5.80 23.54
C VAL B 79 1.28 5.89 22.04
N ASP B 80 0.39 5.03 21.59
CA ASP B 80 0.17 4.78 20.16
C ASP B 80 -1.18 5.31 19.77
N LEU B 81 -1.21 6.15 18.76
CA LEU B 81 -2.41 6.86 18.33
C LEU B 81 -2.80 6.34 16.95
N SER B 82 -2.27 5.19 16.51
CA SER B 82 -2.59 4.64 15.20
C SER B 82 -4.08 4.35 14.99
N LEU B 83 -4.87 4.13 16.02
CA LEU B 83 -6.30 3.88 15.80
C LEU B 83 -7.07 5.21 15.66
N LEU B 84 -6.44 6.33 15.92
CA LEU B 84 -7.08 7.66 15.77
C LEU B 84 -6.93 8.10 14.33
N ASN B 85 -7.80 7.61 13.45
CA ASN B 85 -7.42 7.59 12.02
C ASN B 85 -8.53 8.05 11.07
N ALA B 86 -9.63 8.61 11.56
CA ALA B 86 -10.72 9.00 10.63
C ALA B 86 -10.79 10.51 10.50
N PRO B 87 -10.31 11.04 9.37
CA PRO B 87 -10.39 12.47 9.14
C PRO B 87 -11.82 12.98 9.10
N GLU B 88 -11.98 14.22 9.52
CA GLU B 88 -13.27 14.92 9.47
C GLU B 88 -13.17 15.94 8.37
N VAL B 89 -13.94 15.75 7.29
CA VAL B 89 -13.96 16.71 6.17
C VAL B 89 -15.32 17.37 6.18
N ARG B 90 -15.39 18.64 6.53
CA ARG B 90 -16.69 19.31 6.68
C ARG B 90 -17.15 19.87 5.33
N ALA B 91 -18.45 20.09 5.21
CA ALA B 91 -19.02 20.64 3.96
C ALA B 91 -18.49 22.06 3.71
N ASP B 92 -18.03 22.79 4.74
CA ASP B 92 -17.46 24.14 4.58
C ASP B 92 -15.96 24.07 4.24
N GLY B 93 -15.43 22.88 3.98
CA GLY B 93 -14.05 22.75 3.51
C GLY B 93 -13.05 22.73 4.66
N THR B 94 -13.47 22.85 5.91
CA THR B 94 -12.54 22.68 7.06
C THR B 94 -12.26 21.18 7.26
N VAL B 95 -11.02 20.86 7.62
CA VAL B 95 -10.56 19.46 7.73
C VAL B 95 -9.86 19.29 9.08
N ARG B 96 -10.12 18.17 9.75
CA ARG B 96 -9.34 17.72 10.92
C ARG B 96 -8.73 16.37 10.55
N ILE B 97 -7.41 16.27 10.68
CA ILE B 97 -6.71 15.00 10.44
C ILE B 97 -6.18 14.48 11.76
N PRO B 98 -6.75 13.39 12.28
CA PRO B 98 -6.22 12.84 13.53
C PRO B 98 -4.87 12.20 13.28
N ALA B 99 -4.08 12.10 14.35
CA ALA B 99 -2.67 11.73 14.29
C ALA B 99 -2.43 10.39 13.60
N GLY B 100 -3.33 9.44 13.77
CA GLY B 100 -3.13 8.08 13.23
C GLY B 100 -3.48 7.94 11.77
N THR B 101 -4.02 8.99 11.14
CA THR B 101 -4.40 8.93 9.71
C THR B 101 -3.17 8.65 8.86
N GLN B 102 -3.18 7.55 8.09
CA GLN B 102 -2.09 7.25 7.16
C GLN B 102 -2.26 8.07 5.90
N ASN B 103 -1.15 8.42 5.26
CA ASN B 103 -1.17 9.41 4.18
C ASN B 103 -2.19 9.01 3.13
N TRP B 104 -2.14 7.80 2.61
CA TRP B 104 -3.00 7.42 1.48
C TRP B 104 -4.47 7.36 1.87
N ASN B 105 -4.78 6.77 2.99
CA ASN B 105 -6.17 6.75 3.49
C ASN B 105 -6.64 8.22 3.61
N GLY B 106 -5.79 9.11 4.11
CA GLY B 106 -6.14 10.53 4.24
C GLY B 106 -6.38 11.17 2.86
N TYR B 107 -5.56 10.85 1.87
CA TYR B 107 -5.79 11.45 0.53
C TYR B 107 -7.11 10.91 -0.02
N LEU B 108 -7.40 9.65 0.18
CA LEU B 108 -8.70 9.10 -0.31
C LEU B 108 -9.84 9.88 0.31
N GLU B 109 -9.81 10.06 1.62
CA GLU B 109 -10.93 10.71 2.32
C GLU B 109 -11.08 12.18 1.92
N LEU B 110 -9.96 12.90 1.84
CA LEU B 110 -9.98 14.35 1.49
C LEU B 110 -10.48 14.46 0.05
N TYR B 111 -10.01 13.61 -0.84
CA TYR B 111 -10.38 13.74 -2.27
C TYR B 111 -11.85 13.40 -2.46
N LYS B 112 -12.28 12.25 -1.95
CA LYS B 112 -13.65 11.78 -2.19
C LYS B 112 -14.62 12.73 -1.50
N ARG B 113 -14.35 13.19 -0.28
CA ARG B 113 -15.36 13.97 0.48
C ARG B 113 -15.43 15.41 -0.02
N HIS B 114 -14.34 16.02 -0.47
CA HIS B 114 -14.44 17.45 -0.82
C HIS B 114 -13.46 17.87 -1.90
N ASN B 115 -12.90 16.97 -2.68
CA ASN B 115 -12.02 17.34 -3.79
C ASN B 115 -10.82 18.13 -3.28
N LEU B 116 -10.32 17.77 -2.10
CA LEU B 116 -9.21 18.44 -1.43
C LEU B 116 -8.02 17.48 -1.39
N THR B 117 -6.85 18.06 -1.14
CA THR B 117 -5.69 17.29 -0.72
C THR B 117 -4.77 18.12 0.16
N LEU B 118 -3.78 17.41 0.71
CA LEU B 118 -2.73 18.04 1.52
C LEU B 118 -1.42 17.65 0.90
N PRO B 119 -0.49 18.61 0.68
CA PRO B 119 0.74 18.31 -0.04
C PRO B 119 1.81 17.67 0.81
N GLY B 120 1.54 16.42 1.19
CA GLY B 120 2.45 15.62 2.00
C GLY B 120 3.04 14.45 1.24
N GLY B 121 3.56 13.48 1.96
CA GLY B 121 4.39 12.45 1.37
C GLY B 121 3.62 11.45 0.57
N SER B 122 4.33 10.68 -0.23
CA SER B 122 3.73 9.70 -1.16
C SER B 122 3.49 8.35 -0.50
N CYS B 123 4.27 8.01 0.52
N CYS B 123 4.25 8.02 0.53
CA CYS B 123 4.20 6.65 1.11
CA CYS B 123 4.27 6.73 1.27
C CYS B 123 2.85 6.45 1.79
C CYS B 123 2.88 6.44 1.87
N TYR B 124 2.16 5.37 1.46
CA TYR B 124 0.76 5.15 1.86
C TYR B 124 0.63 5.10 3.37
N SER B 125 1.64 4.56 4.06
CA SER B 125 1.53 4.08 5.46
C SER B 125 2.07 5.10 6.46
N VAL B 126 2.66 6.19 6.00
CA VAL B 126 3.18 7.19 6.95
C VAL B 126 2.02 7.80 7.72
N GLY B 127 2.21 8.08 8.99
CA GLY B 127 1.20 8.63 9.84
C GLY B 127 1.28 10.14 9.90
N ALA B 128 0.14 10.78 10.00
CA ALA B 128 0.06 12.23 10.13
C ALA B 128 0.82 12.70 11.35
N GLY B 129 0.71 11.95 12.44
CA GLY B 129 1.24 12.44 13.72
C GLY B 129 2.69 12.86 13.63
N GLY B 130 3.61 12.00 13.17
CA GLY B 130 4.99 12.44 13.04
C GLY B 130 5.21 13.25 11.75
N HIS B 131 4.47 12.93 10.70
CA HIS B 131 4.77 13.46 9.36
C HIS B 131 4.48 14.97 9.30
N ILE B 132 3.34 15.42 9.73
CA ILE B 132 2.98 16.84 9.52
C ILE B 132 3.81 17.75 10.45
N CYS B 133 3.93 17.41 11.72
CA CYS B 133 4.74 18.23 12.63
C CYS B 133 6.22 18.31 12.26
N GLY B 134 6.74 17.33 11.51
CA GLY B 134 8.12 17.35 11.01
C GLY B 134 8.27 18.11 9.73
N GLY B 135 7.21 18.66 9.13
CA GLY B 135 7.31 19.45 7.89
C GLY B 135 7.10 18.58 6.64
N GLY B 136 6.25 17.59 6.70
CA GLY B 136 6.00 16.68 5.58
C GLY B 136 5.77 17.36 4.27
N TYR B 137 6.38 16.81 3.24
CA TYR B 137 6.32 17.29 1.85
C TYR B 137 6.12 16.10 0.91
N GLY B 138 5.72 16.41 -0.30
CA GLY B 138 5.67 15.42 -1.35
C GLY B 138 5.53 16.02 -2.72
N LEU B 139 4.97 15.26 -3.64
CA LEU B 139 4.97 15.57 -5.07
C LEU B 139 4.20 16.84 -5.40
N LEU B 140 3.28 17.30 -4.53
CA LEU B 140 2.55 18.55 -4.77
C LEU B 140 3.20 19.70 -4.03
N SER B 141 4.34 19.53 -3.38
CA SER B 141 4.83 20.63 -2.51
C SER B 141 5.44 21.79 -3.29
N ARG B 142 6.00 21.52 -4.47
CA ARG B 142 6.45 22.66 -5.34
C ARG B 142 5.24 23.46 -5.76
N LEU B 143 4.05 22.86 -5.86
CA LEU B 143 2.83 23.56 -6.28
C LEU B 143 2.07 24.20 -5.11
N GLN B 144 2.06 23.52 -3.96
CA GLN B 144 1.15 23.88 -2.87
C GLN B 144 1.89 24.09 -1.57
N GLY B 145 3.20 23.93 -1.50
CA GLY B 145 3.93 24.14 -0.25
C GLY B 145 3.94 22.89 0.63
N LEU B 146 4.32 23.08 1.88
CA LEU B 146 4.44 21.97 2.82
C LEU B 146 3.10 21.75 3.51
N THR B 147 2.92 20.59 4.07
CA THR B 147 1.78 20.26 4.94
C THR B 147 1.63 21.40 5.94
N VAL B 148 2.69 21.77 6.61
CA VAL B 148 2.60 22.72 7.73
C VAL B 148 2.21 24.11 7.23
N ASP B 149 2.38 24.41 5.97
CA ASP B 149 2.03 25.75 5.46
C ASP B 149 0.52 25.94 5.45
N TRP B 150 -0.27 24.88 5.51
CA TRP B 150 -1.73 24.96 5.52
C TRP B 150 -2.32 24.86 6.93
N LEU B 151 -1.49 24.46 7.92
CA LEU B 151 -2.04 24.18 9.24
C LEU B 151 -2.62 25.44 9.83
N SER B 152 -3.77 25.29 10.45
CA SER B 152 -4.52 26.38 11.11
C SER B 152 -4.51 26.21 12.62
N ALA B 153 -4.55 24.96 13.11
CA ALA B 153 -4.57 24.74 14.57
C ALA B 153 -4.10 23.32 14.82
N VAL B 154 -3.62 23.08 16.02
CA VAL B 154 -3.14 21.74 16.42
C VAL B 154 -3.73 21.40 17.78
N ASP B 155 -4.29 20.23 17.90
CA ASP B 155 -4.77 19.70 19.19
C ASP B 155 -3.62 18.83 19.76
N ILE B 156 -3.15 19.17 20.95
CA ILE B 156 -1.95 18.54 21.55
C ILE B 156 -2.16 18.39 23.04
N VAL B 157 -1.76 17.24 23.53
CA VAL B 157 -1.80 16.97 24.99
C VAL B 157 -0.41 17.28 25.51
N THR B 158 -0.33 18.15 26.49
CA THR B 158 0.95 18.60 27.08
C THR B 158 0.91 18.32 28.57
N VAL B 159 2.09 18.32 29.18
CA VAL B 159 2.25 18.07 30.63
C VAL B 159 2.79 19.33 31.25
N ASP B 160 2.07 19.83 32.25
CA ASP B 160 2.42 21.11 32.89
C ASP B 160 3.37 20.93 34.08
N ARG B 161 3.65 22.06 34.77
CA ARG B 161 4.60 22.09 35.90
C ARG B 161 4.04 21.21 37.03
N GLN B 162 2.72 21.11 37.17
CA GLN B 162 2.10 20.26 38.25
C GLN B 162 2.11 18.77 37.80
N GLY B 163 2.71 18.41 36.66
CA GLY B 163 2.79 17.02 36.18
C GLY B 163 1.45 16.49 35.66
N ARG B 164 0.57 17.38 35.25
CA ARG B 164 -0.78 17.04 34.77
C ARG B 164 -0.78 17.10 33.23
N ALA B 165 -1.22 15.99 32.62
CA ALA B 165 -1.47 15.91 31.16
C ALA B 165 -2.85 16.43 30.86
N ALA B 166 -2.96 17.31 29.86
CA ALA B 166 -4.26 17.87 29.45
C ALA B 166 -4.16 18.40 28.03
N PRO B 167 -5.29 18.37 27.31
CA PRO B 167 -5.34 18.83 25.94
C PRO B 167 -5.36 20.35 25.88
N ARG B 168 -4.74 20.83 24.82
CA ARG B 168 -4.88 22.22 24.38
C ARG B 168 -5.08 22.25 22.90
N THR B 169 -5.67 23.35 22.45
CA THR B 169 -5.73 23.66 21.00
C THR B 169 -4.88 24.89 20.81
N VAL B 170 -3.85 24.80 19.95
CA VAL B 170 -2.93 25.91 19.72
C VAL B 170 -3.10 26.38 18.28
N ASP B 171 -2.92 27.68 18.08
CA ASP B 171 -3.12 28.33 16.76
C ASP B 171 -2.41 29.64 16.80
N ALA B 172 -2.71 30.49 15.85
CA ALA B 172 -1.96 31.76 15.77
C ALA B 172 -2.27 32.68 16.96
N THR B 173 -3.38 32.51 17.64
CA THR B 173 -3.72 33.34 18.80
C THR B 173 -3.56 32.62 20.13
N ARG B 174 -3.64 31.28 20.19
CA ARG B 174 -3.62 30.59 21.47
C ARG B 174 -2.33 29.78 21.53
N ASP B 175 -1.45 30.03 22.48
CA ASP B 175 -0.12 29.38 22.55
C ASP B 175 0.55 29.43 21.18
N PRO B 176 0.68 30.63 20.58
CA PRO B 176 1.21 30.78 19.23
C PRO B 176 2.62 30.21 19.08
N GLU B 177 3.44 30.23 20.12
CA GLU B 177 4.82 29.73 19.98
C GLU B 177 4.81 28.21 19.92
N LEU B 178 3.94 27.54 20.66
CA LEU B 178 3.85 26.07 20.52
C LEU B 178 3.25 25.74 19.16
N PHE B 179 2.28 26.52 18.70
CA PHE B 179 1.72 26.31 17.34
C PHE B 179 2.85 26.37 16.30
N ARG B 180 3.70 27.38 16.35
CA ARG B 180 4.80 27.51 15.39
C ARG B 180 5.69 26.26 15.50
N ALA B 181 6.02 25.80 16.70
CA ALA B 181 6.86 24.60 16.91
C ALA B 181 6.22 23.38 16.25
N CYS B 182 4.90 23.26 16.36
CA CYS B 182 4.16 22.12 15.77
C CYS B 182 4.16 22.23 14.24
N ARG B 183 4.53 23.39 13.67
CA ARG B 183 4.62 23.56 12.19
C ARG B 183 6.05 23.28 11.73
N GLY B 184 6.61 22.13 12.14
CA GLY B 184 7.80 21.63 11.50
C GLY B 184 8.91 21.16 12.43
N ALA B 185 8.88 21.40 13.74
CA ALA B 185 10.05 21.09 14.61
C ALA B 185 10.27 19.59 14.77
N GLY B 186 9.30 18.76 14.36
CA GLY B 186 9.43 17.31 14.55
C GLY B 186 8.73 16.87 15.78
N GLY B 187 8.39 15.59 15.78
CA GLY B 187 7.60 15.04 16.86
C GLY B 187 8.38 14.59 18.07
N GLY B 188 7.63 14.12 19.07
CA GLY B 188 8.17 13.56 20.32
C GLY B 188 8.85 14.60 21.17
N ASN B 189 8.53 15.89 20.97
CA ASN B 189 9.25 17.03 21.58
C ASN B 189 8.45 17.71 22.66
N PHE B 190 7.16 18.02 22.42
CA PHE B 190 6.45 18.97 23.29
C PHE B 190 5.20 18.36 23.91
N GLY B 191 4.77 17.22 23.43
CA GLY B 191 3.45 16.69 23.76
C GLY B 191 2.98 15.75 22.69
N ILE B 192 1.76 15.26 22.87
CA ILE B 192 1.19 14.30 21.90
C ILE B 192 0.10 14.96 21.10
N ILE B 193 0.37 15.17 19.82
CA ILE B 193 -0.61 15.78 18.90
C ILE B 193 -1.70 14.76 18.68
N THR B 194 -2.96 15.14 18.88
CA THR B 194 -4.09 14.26 18.59
C THR B 194 -4.67 14.55 17.22
N ALA B 195 -4.60 15.78 16.75
CA ALA B 195 -5.19 16.13 15.45
C ALA B 195 -4.60 17.42 14.95
N TYR B 196 -4.62 17.52 13.64
CA TYR B 196 -4.21 18.70 12.88
C TYR B 196 -5.42 19.30 12.23
N THR B 197 -5.62 20.60 12.35
CA THR B 197 -6.79 21.30 11.77
C THR B 197 -6.39 22.27 10.68
N PHE B 198 -7.18 22.27 9.61
CA PHE B 198 -6.93 23.07 8.40
C PHE B 198 -8.19 23.84 8.10
N ALA B 199 -8.13 25.16 8.14
CA ALA B 199 -9.31 26.00 7.80
C ALA B 199 -9.70 25.81 6.34
N ARG B 200 -8.72 25.52 5.50
CA ARG B 200 -8.92 25.29 4.07
C ARG B 200 -7.72 24.50 3.56
N LEU B 201 -7.97 23.75 2.52
CA LEU B 201 -6.93 22.99 1.82
C LEU B 201 -7.04 23.29 0.34
N PRO B 202 -5.95 23.02 -0.41
CA PRO B 202 -5.99 23.21 -1.84
C PRO B 202 -6.87 22.14 -2.48
N GLU B 203 -7.39 22.50 -3.66
CA GLU B 203 -8.08 21.52 -4.49
C GLU B 203 -7.09 20.48 -5.00
N ALA B 204 -7.52 19.22 -5.00
CA ALA B 204 -6.77 18.14 -5.65
C ALA B 204 -6.63 18.45 -7.14
N PRO B 205 -5.48 18.16 -7.75
CA PRO B 205 -5.37 18.18 -9.19
C PRO B 205 -6.39 17.22 -9.83
N ARG B 206 -6.69 17.49 -11.08
CA ARG B 206 -7.53 16.59 -11.89
C ARG B 206 -6.68 15.51 -12.57
N GLU B 207 -5.54 15.86 -13.12
CA GLU B 207 -4.79 14.96 -13.99
C GLU B 207 -3.31 15.23 -13.82
N VAL B 208 -2.52 14.18 -13.86
CA VAL B 208 -1.05 14.33 -13.94
C VAL B 208 -0.51 13.41 -15.02
N ALA B 209 0.71 13.68 -15.46
CA ALA B 209 1.49 12.71 -16.23
C ALA B 209 2.57 12.16 -15.31
N LEU B 210 2.90 10.89 -15.40
CA LEU B 210 4.07 10.30 -14.76
C LEU B 210 5.04 9.92 -15.86
N ALA B 211 6.21 10.50 -15.79
CA ALA B 211 7.29 10.27 -16.77
C ALA B 211 8.39 9.49 -16.08
N THR B 212 8.82 8.39 -16.71
CA THR B 212 9.91 7.56 -16.21
C THR B 212 11.05 7.60 -17.23
N VAL B 213 12.23 7.96 -16.77
CA VAL B 213 13.45 8.01 -17.59
C VAL B 213 14.46 7.18 -16.83
N ALA B 214 14.96 6.08 -17.41
CA ALA B 214 15.94 5.22 -16.75
C ALA B 214 17.27 5.30 -17.50
N PHE B 215 18.34 5.05 -16.79
CA PHE B 215 19.69 5.07 -17.36
C PHE B 215 20.39 3.81 -16.95
N ASP B 216 20.96 3.09 -17.92
CA ASP B 216 21.71 1.86 -17.64
C ASP B 216 23.03 2.17 -16.94
N TRP B 217 23.30 1.57 -15.78
CA TRP B 217 24.59 1.69 -15.08
C TRP B 217 25.76 1.16 -15.94
N ALA B 218 25.48 0.18 -16.78
CA ALA B 218 26.51 -0.51 -17.60
C ALA B 218 27.28 0.53 -18.43
N ALA B 219 26.60 1.57 -18.90
CA ALA B 219 27.12 2.60 -19.82
C ALA B 219 27.43 3.89 -19.06
N MET B 220 27.25 3.91 -17.74
CA MET B 220 27.35 5.12 -16.91
C MET B 220 28.79 5.37 -16.43
N THR B 221 29.53 6.14 -17.21
CA THR B 221 30.87 6.60 -16.88
C THR B 221 30.84 7.77 -15.91
N PRO B 222 31.97 8.13 -15.26
CA PRO B 222 32.00 9.33 -14.41
C PRO B 222 31.48 10.56 -15.14
N GLU B 223 31.88 10.71 -16.41
CA GLU B 223 31.53 11.90 -17.22
C GLU B 223 30.02 11.93 -17.50
N ARG B 224 29.45 10.80 -17.90
CA ARG B 224 28.00 10.73 -18.21
C ARG B 224 27.20 11.02 -16.91
N PHE B 225 27.73 10.54 -15.81
CA PHE B 225 27.07 10.70 -14.49
C PHE B 225 27.11 12.18 -14.12
N ALA B 226 28.26 12.83 -14.28
CA ALA B 226 28.39 14.27 -14.01
C ALA B 226 27.44 15.07 -14.91
N GLU B 227 27.24 14.64 -16.16
CA GLU B 227 26.37 15.33 -17.12
C GLU B 227 24.92 15.18 -16.63
N LEU B 228 24.56 13.99 -16.18
CA LEU B 228 23.19 13.74 -15.65
C LEU B 228 22.94 14.72 -14.50
N LEU B 229 23.84 14.77 -13.54
CA LEU B 229 23.67 15.66 -12.36
C LEU B 229 23.69 17.09 -12.81
N ARG B 230 24.52 17.46 -13.80
CA ARG B 230 24.52 18.86 -14.28
C ARG B 230 23.16 19.23 -14.88
N LEU B 231 22.64 18.38 -15.75
CA LEU B 231 21.38 18.70 -16.47
C LEU B 231 20.24 18.81 -15.46
N TYR B 232 20.23 17.90 -14.51
CA TYR B 232 19.11 17.88 -13.55
C TYR B 232 19.17 19.04 -12.58
N GLY B 233 20.33 19.20 -11.90
CA GLY B 233 20.53 20.28 -10.92
C GLY B 233 20.43 21.65 -11.53
N GLU B 234 20.99 21.85 -12.72
CA GLU B 234 20.92 23.20 -13.32
C GLU B 234 19.47 23.55 -13.62
N TYR B 235 18.64 22.55 -13.96
CA TYR B 235 17.23 22.84 -14.23
C TYR B 235 16.60 23.41 -12.95
N TRP B 236 16.75 22.69 -11.83
CA TRP B 236 16.04 23.11 -10.58
C TRP B 236 16.57 24.43 -10.08
N GLU B 237 17.85 24.74 -10.35
CA GLU B 237 18.47 25.97 -9.86
C GLU B 237 17.96 27.18 -10.66
N THR B 238 17.47 26.97 -11.88
CA THR B 238 17.04 28.04 -12.80
C THR B 238 15.56 27.94 -13.18
N ARG B 239 15.31 27.26 -14.27
CA ARG B 239 13.98 27.13 -14.85
C ARG B 239 12.98 26.61 -13.80
N GLY B 240 13.41 25.68 -12.98
CA GLY B 240 12.49 25.04 -12.00
C GLY B 240 12.00 26.02 -10.94
N LYS B 241 12.59 27.20 -10.81
CA LYS B 241 12.05 28.19 -9.88
C LYS B 241 10.80 28.84 -10.49
N ASP B 242 10.61 28.77 -11.79
CA ASP B 242 9.54 29.53 -12.44
C ASP B 242 8.18 28.91 -12.12
N PRO B 243 7.16 29.69 -11.77
CA PRO B 243 5.87 29.15 -11.35
C PRO B 243 5.18 28.22 -12.35
N ASP B 244 5.40 28.37 -13.65
CA ASP B 244 4.79 27.46 -14.65
C ASP B 244 5.32 26.02 -14.52
N THR B 245 6.37 25.81 -13.75
CA THR B 245 6.99 24.49 -13.52
C THR B 245 6.57 23.92 -12.17
N TRP B 246 5.83 24.66 -11.35
CA TRP B 246 5.68 24.19 -9.94
C TRP B 246 4.82 22.93 -9.83
N GLY B 247 4.05 22.57 -10.83
CA GLY B 247 3.34 21.29 -10.81
C GLY B 247 4.22 20.14 -11.24
N MET B 248 5.49 20.37 -11.56
CA MET B 248 6.42 19.32 -11.97
C MET B 248 7.27 18.98 -10.73
N PHE B 249 7.37 17.72 -10.40
CA PHE B 249 8.15 17.24 -9.26
C PHE B 249 8.86 15.98 -9.70
N SER B 250 10.17 15.97 -9.53
N SER B 250 10.17 15.96 -9.53
CA SER B 250 11.03 14.87 -10.02
CA SER B 250 11.04 14.85 -10.00
C SER B 250 11.76 14.19 -8.87
C SER B 250 11.76 14.19 -8.85
N LEU B 251 11.88 12.87 -8.95
CA LEU B 251 12.65 12.04 -8.03
C LEU B 251 13.73 11.38 -8.87
N LEU B 252 14.98 11.79 -8.66
CA LEU B 252 16.10 11.16 -9.38
C LEU B 252 16.74 10.16 -8.44
N LYS B 253 16.57 8.88 -8.73
CA LYS B 253 17.04 7.79 -7.87
C LYS B 253 18.42 7.38 -8.38
N LEU B 254 19.43 7.98 -7.81
CA LEU B 254 20.85 7.68 -8.12
C LEU B 254 21.19 6.43 -7.33
N THR B 255 20.85 5.29 -7.91
CA THR B 255 21.00 3.97 -7.27
C THR B 255 22.46 3.54 -7.23
N HIS B 256 22.80 2.76 -6.24
CA HIS B 256 24.09 2.03 -6.27
C HIS B 256 24.17 1.25 -7.57
N ARG B 257 25.38 1.14 -8.15
CA ARG B 257 25.55 0.45 -9.47
C ARG B 257 24.95 -0.95 -9.46
N SER B 258 24.98 -1.62 -8.31
CA SER B 258 24.46 -3.00 -8.19
C SER B 258 22.95 -3.04 -8.47
N ALA B 259 22.27 -1.89 -8.53
CA ALA B 259 20.83 -1.86 -8.86
C ALA B 259 20.60 -1.97 -10.37
N GLY B 260 21.62 -1.74 -11.19
CA GLY B 260 21.50 -1.94 -12.63
C GLY B 260 21.07 -0.71 -13.38
N GLN B 261 20.15 0.09 -12.83
CA GLN B 261 19.70 1.31 -13.53
C GLN B 261 19.43 2.44 -12.52
N ILE B 262 19.73 3.63 -12.97
CA ILE B 262 19.30 4.90 -12.35
C ILE B 262 17.91 5.20 -12.88
N VAL B 263 16.97 5.70 -12.04
CA VAL B 263 15.58 5.95 -12.50
C VAL B 263 15.19 7.36 -12.08
N MET B 264 14.63 8.09 -13.01
CA MET B 264 14.09 9.44 -12.73
C MET B 264 12.60 9.34 -12.94
N LEU B 265 11.84 9.60 -11.88
CA LEU B 265 10.36 9.58 -11.94
C LEU B 265 9.87 11.01 -11.75
N THR B 266 9.08 11.49 -12.70
CA THR B 266 8.56 12.88 -12.68
C THR B 266 7.06 12.85 -12.73
N GLN B 267 6.43 13.60 -11.87
CA GLN B 267 4.99 13.86 -11.92
C GLN B 267 4.81 15.28 -12.42
N PHE B 268 3.81 15.45 -13.27
CA PHE B 268 3.56 16.76 -13.88
C PHE B 268 2.09 17.07 -13.95
N CYS B 269 1.74 18.28 -13.52
CA CYS B 269 0.54 18.99 -14.00
C CYS B 269 0.91 20.47 -14.21
N ASN B 270 0.05 21.14 -14.94
CA ASN B 270 0.04 22.62 -14.98
C ASN B 270 -0.35 23.13 -13.62
N PRO B 271 -0.03 24.37 -13.31
CA PRO B 271 -0.45 24.95 -12.03
C PRO B 271 -1.95 24.89 -11.77
N ASP B 272 -2.79 24.83 -12.80
CA ASP B 272 -4.25 24.72 -12.63
C ASP B 272 -4.70 23.28 -12.34
N GLY B 273 -3.78 22.33 -12.21
CA GLY B 273 -4.14 20.94 -11.82
C GLY B 273 -4.55 20.08 -13.00
N THR B 274 -4.40 20.59 -14.23
CA THR B 274 -4.70 19.82 -15.46
C THR B 274 -3.41 19.48 -16.17
N CYS B 275 -3.48 18.66 -17.23
CA CYS B 275 -2.39 18.45 -18.18
C CYS B 275 -2.78 19.01 -19.54
N ARG B 276 -3.37 20.18 -19.57
CA ARG B 276 -3.77 20.81 -20.85
C ARG B 276 -2.53 21.14 -21.67
N ASP B 277 -1.38 21.41 -21.06
CA ASP B 277 -0.17 21.84 -21.81
C ASP B 277 1.05 21.10 -21.28
N LEU B 278 1.57 20.13 -22.03
CA LEU B 278 2.73 19.33 -21.57
C LEU B 278 4.06 19.97 -21.96
N SER B 279 4.05 21.18 -22.52
CA SER B 279 5.29 21.85 -23.02
C SER B 279 6.40 21.82 -21.96
N VAL B 280 6.09 22.23 -20.73
CA VAL B 280 7.14 22.29 -19.71
C VAL B 280 7.74 20.91 -19.44
N LEU B 281 6.92 19.88 -19.36
CA LEU B 281 7.43 18.52 -19.13
C LEU B 281 8.29 18.08 -20.33
N ASN B 282 7.75 18.27 -21.54
CA ASN B 282 8.51 17.82 -22.75
C ASN B 282 9.87 18.52 -22.78
N ASP B 283 9.90 19.81 -22.47
CA ASP B 283 11.14 20.62 -22.51
C ASP B 283 12.08 20.02 -21.48
N PHE B 284 11.57 19.72 -20.28
CA PHE B 284 12.45 19.18 -19.22
C PHE B 284 13.03 17.83 -19.65
N LEU B 285 12.18 16.96 -20.11
CA LEU B 285 12.61 15.59 -20.49
C LEU B 285 13.57 15.57 -21.70
N ALA B 286 13.44 16.53 -22.58
CA ALA B 286 14.22 16.62 -23.83
C ALA B 286 15.70 16.76 -23.51
N ARG B 287 16.05 17.31 -22.34
N ARG B 287 16.04 17.33 -22.35
CA ARG B 287 17.45 17.48 -21.85
CA ARG B 287 17.44 17.48 -21.83
C ARG B 287 18.13 16.11 -21.73
C ARG B 287 18.12 16.11 -21.75
N PHE B 288 17.32 15.07 -21.49
CA PHE B 288 17.76 13.68 -21.28
C PHE B 288 17.45 12.89 -22.56
N ARG B 289 18.38 13.00 -23.50
CA ARG B 289 18.36 12.32 -24.83
C ARG B 289 18.23 10.80 -24.61
N ALA B 290 17.33 10.13 -25.34
CA ALA B 290 17.22 8.64 -25.39
C ALA B 290 18.32 8.10 -26.33
N CYS B 291 18.93 6.97 -25.97
CA CYS B 291 19.95 6.31 -26.85
C CYS B 291 19.25 5.90 -28.16
N ALA B 292 20.01 5.87 -29.27
CA ALA B 292 19.49 5.69 -30.65
C ALA B 292 18.79 4.33 -30.84
N LEU B 314 28.29 10.71 -25.16
CA LEU B 314 27.59 11.54 -24.13
C LEU B 314 26.45 10.72 -23.52
N LEU B 315 25.86 11.25 -22.46
CA LEU B 315 24.74 10.64 -21.71
C LEU B 315 23.56 10.34 -22.62
N CYS B 316 22.93 9.18 -22.44
CA CYS B 316 21.63 8.89 -23.08
C CYS B 316 20.84 7.89 -22.22
N SER B 317 19.53 7.92 -22.38
CA SER B 317 18.59 7.18 -21.51
C SER B 317 17.96 5.99 -22.23
N LYS B 318 17.32 5.12 -21.47
CA LYS B 318 16.39 4.16 -22.07
C LYS B 318 15.22 4.95 -22.62
N PRO B 319 14.37 4.35 -23.48
CA PRO B 319 13.24 5.10 -24.02
C PRO B 319 12.34 5.67 -22.89
N HIS B 320 11.90 6.90 -23.06
CA HIS B 320 11.04 7.56 -22.03
C HIS B 320 9.64 6.94 -22.03
N THR B 321 9.01 6.84 -20.88
CA THR B 321 7.58 6.47 -20.80
C THR B 321 6.87 7.66 -20.15
N VAL B 322 5.79 8.14 -20.75
CA VAL B 322 4.93 9.22 -20.19
C VAL B 322 3.52 8.70 -20.24
N VAL B 323 2.90 8.61 -19.08
CA VAL B 323 1.55 8.03 -18.97
C VAL B 323 0.70 9.03 -18.22
N ARG B 324 -0.46 9.37 -18.74
CA ARG B 324 -1.39 10.30 -18.09
C ARG B 324 -2.36 9.50 -17.20
N TYR B 325 -2.69 10.09 -16.06
CA TYR B 325 -3.63 9.51 -15.10
C TYR B 325 -4.51 10.59 -14.53
N ASP B 326 -5.67 10.26 -14.01
CA ASP B 326 -6.29 11.20 -13.06
C ASP B 326 -5.38 11.20 -11.82
N TRP B 327 -5.45 12.30 -11.10
CA TRP B 327 -4.48 12.52 -10.02
C TRP B 327 -4.57 11.44 -8.95
N LEU B 328 -5.78 11.07 -8.54
CA LEU B 328 -5.89 10.12 -7.42
C LEU B 328 -5.29 8.79 -7.85
N THR B 329 -5.49 8.38 -9.09
CA THR B 329 -4.93 7.10 -9.58
C THR B 329 -3.41 7.14 -9.62
N ALA B 330 -2.82 8.21 -10.12
CA ALA B 330 -1.35 8.38 -10.06
C ALA B 330 -0.85 8.27 -8.64
N THR B 331 -1.59 8.92 -7.75
CA THR B 331 -1.23 8.98 -6.33
C THR B 331 -1.25 7.58 -5.75
N GLN B 332 -2.19 6.74 -6.16
CA GLN B 332 -2.15 5.34 -5.69
C GLN B 332 -0.92 4.60 -6.26
N THR B 333 -0.65 4.77 -7.55
CA THR B 333 0.39 3.95 -8.21
C THR B 333 1.76 4.27 -7.64
N VAL B 334 1.95 5.46 -7.06
CA VAL B 334 3.29 5.82 -6.52
C VAL B 334 3.32 5.75 -5.00
N ASN B 335 2.35 5.15 -4.35
CA ASN B 335 2.23 5.21 -2.87
C ASN B 335 2.98 4.11 -2.14
N GLY B 336 3.82 3.35 -2.80
CA GLY B 336 4.49 2.23 -2.13
C GLY B 336 5.43 2.71 -1.04
N SER B 337 5.57 1.89 0.03
N SER B 337 5.52 1.88 0.03
CA SER B 337 6.47 2.19 1.15
CA SER B 337 6.40 2.09 1.20
C SER B 337 7.77 1.39 1.07
C SER B 337 7.74 1.38 1.07
N GLY B 338 7.85 0.46 0.12
CA GLY B 338 8.96 -0.51 0.12
C GLY B 338 8.75 -1.55 1.19
N PRO B 339 9.66 -2.55 1.22
CA PRO B 339 9.56 -3.67 2.11
C PRO B 339 9.78 -3.27 3.57
N ASN B 340 9.26 -4.13 4.45
CA ASN B 340 9.56 -4.03 5.89
C ASN B 340 10.93 -4.65 6.14
N GLN B 341 11.90 -3.83 6.47
CA GLN B 341 13.32 -4.31 6.60
C GLN B 341 14.06 -3.28 7.43
N ARG B 342 15.39 -3.26 7.34
CA ARG B 342 16.24 -2.34 8.09
C ARG B 342 16.62 -1.21 7.14
N GLY B 343 16.68 -0.01 7.67
CA GLY B 343 17.02 1.16 6.85
C GLY B 343 17.87 2.15 7.61
N LYS B 344 18.71 2.86 6.86
CA LYS B 344 19.47 4.02 7.36
C LYS B 344 19.38 5.12 6.31
N TYR B 345 19.20 6.34 6.81
CA TYR B 345 18.79 7.48 5.97
C TYR B 345 19.58 8.71 6.36
N LYS B 346 19.80 9.59 5.37
CA LYS B 346 20.45 10.88 5.63
C LYS B 346 19.83 11.90 4.70
N SER B 347 19.99 13.20 5.01
CA SER B 347 19.32 14.26 4.23
C SER B 347 20.25 15.43 3.98
N ALA B 348 19.95 16.14 2.92
CA ALA B 348 20.62 17.41 2.64
C ALA B 348 19.73 18.33 1.82
N TYR B 349 19.70 19.60 2.17
CA TYR B 349 19.04 20.65 1.35
C TYR B 349 20.09 21.33 0.47
N MET B 350 19.86 21.33 -0.82
CA MET B 350 20.77 22.01 -1.79
C MET B 350 20.11 23.29 -2.30
N LYS B 351 20.85 24.39 -2.29
CA LYS B 351 20.41 25.68 -2.89
C LYS B 351 20.91 25.80 -4.32
N ARG B 352 21.86 24.98 -4.72
CA ARG B 352 22.53 25.11 -6.03
C ARG B 352 22.54 23.80 -6.75
N GLY B 353 22.97 23.80 -8.00
CA GLY B 353 23.31 22.58 -8.72
C GLY B 353 24.49 21.89 -8.08
N PHE B 354 24.78 20.69 -8.50
CA PHE B 354 25.92 19.91 -8.01
C PHE B 354 27.23 20.54 -8.49
N THR B 355 28.20 20.56 -7.60
CA THR B 355 29.59 20.85 -8.00
C THR B 355 30.16 19.64 -8.73
N ALA B 356 31.27 19.85 -9.43
CA ALA B 356 32.01 18.72 -10.01
C ALA B 356 32.48 17.73 -8.96
N ARG B 357 32.93 18.21 -7.81
CA ARG B 357 33.43 17.38 -6.69
C ARG B 357 32.25 16.55 -6.17
N GLU B 358 31.08 17.16 -5.99
CA GLU B 358 29.93 16.37 -5.50
C GLU B 358 29.64 15.24 -6.47
N ALA B 359 29.56 15.52 -7.76
CA ALA B 359 29.24 14.52 -8.79
C ALA B 359 30.28 13.40 -8.74
N GLN B 360 31.55 13.77 -8.58
CA GLN B 360 32.61 12.72 -8.57
C GLN B 360 32.50 11.89 -7.29
N ARG B 361 32.32 12.53 -6.15
CA ARG B 361 32.24 11.78 -4.87
C ARG B 361 30.99 10.90 -4.86
N ILE B 362 29.88 11.40 -5.39
CA ILE B 362 28.64 10.58 -5.43
C ILE B 362 28.92 9.35 -6.29
N TYR B 363 29.56 9.56 -7.45
CA TYR B 363 29.82 8.43 -8.36
C TYR B 363 30.72 7.41 -7.63
N THR B 364 31.76 7.87 -6.93
CA THR B 364 32.68 7.01 -6.19
C THR B 364 31.86 6.09 -5.27
N HIS B 365 30.96 6.66 -4.46
CA HIS B 365 30.30 5.80 -3.44
C HIS B 365 29.23 4.90 -4.05
N LEU B 366 28.57 5.35 -5.12
CA LEU B 366 27.56 4.54 -5.81
C LEU B 366 28.22 3.42 -6.61
N THR B 367 29.56 3.47 -6.82
CA THR B 367 30.27 2.39 -7.57
C THR B 367 31.17 1.61 -6.63
N ARG B 368 31.18 1.90 -5.33
CA ARG B 368 32.00 1.24 -4.32
C ARG B 368 31.37 -0.12 -3.97
N THR B 369 32.17 -1.19 -4.07
CA THR B 369 31.80 -2.56 -3.63
C THR B 369 32.19 -2.68 -2.16
N VAL B 370 31.29 -3.26 -1.36
CA VAL B 370 31.54 -3.58 0.06
C VAL B 370 31.34 -5.08 0.20
N PRO B 371 32.44 -5.82 0.47
CA PRO B 371 32.34 -7.27 0.50
C PRO B 371 31.32 -7.71 1.57
N GLY B 372 30.43 -8.61 1.20
CA GLY B 372 29.55 -9.29 2.15
C GLY B 372 28.27 -8.51 2.37
N ILE B 373 28.07 -7.38 1.71
CA ILE B 373 26.74 -6.72 1.83
C ILE B 373 26.19 -6.40 0.45
N ASP B 374 24.87 -6.36 0.39
CA ASP B 374 24.09 -6.13 -0.83
C ASP B 374 23.64 -4.67 -0.84
N LEU B 375 24.24 -3.86 -1.67
CA LEU B 375 23.89 -2.40 -1.74
C LEU B 375 22.87 -2.17 -2.85
N SER B 376 22.25 -3.20 -3.41
CA SER B 376 21.37 -3.03 -4.58
C SER B 376 20.09 -2.26 -4.25
N GLN B 377 19.74 -2.12 -2.97
CA GLN B 377 18.53 -1.33 -2.63
C GLN B 377 18.93 0.09 -2.25
N SER B 378 20.21 0.42 -2.30
CA SER B 378 20.74 1.68 -1.78
C SER B 378 20.80 2.73 -2.87
N LEU B 379 20.67 3.99 -2.45
CA LEU B 379 20.60 5.07 -3.44
C LEU B 379 20.78 6.42 -2.76
N LEU B 380 21.14 7.39 -3.58
CA LEU B 380 20.93 8.79 -3.25
C LEU B 380 19.74 9.28 -4.08
N GLN B 381 18.65 9.71 -3.41
CA GLN B 381 17.50 10.22 -4.12
C GLN B 381 17.60 11.74 -4.13
N VAL B 382 17.45 12.36 -5.28
CA VAL B 382 17.53 13.81 -5.43
C VAL B 382 16.19 14.30 -5.89
N ASP B 383 15.47 14.94 -4.99
CA ASP B 383 14.14 15.48 -5.31
C ASP B 383 14.24 16.91 -5.80
N SER B 384 13.51 17.21 -6.85
CA SER B 384 13.22 18.62 -7.20
C SER B 384 12.62 19.24 -5.94
N TYR B 385 12.87 20.51 -5.71
CA TYR B 385 12.32 21.18 -4.51
C TYR B 385 12.09 22.65 -4.77
N GLY B 386 11.62 23.34 -3.76
CA GLY B 386 11.36 24.78 -3.76
C GLY B 386 9.98 25.11 -4.28
N GLY B 387 9.86 25.92 -5.30
CA GLY B 387 8.57 26.37 -5.74
C GLY B 387 7.81 27.06 -4.63
N ALA B 388 6.57 26.64 -4.42
CA ALA B 388 5.66 27.20 -3.40
C ALA B 388 6.18 26.92 -1.99
N VAL B 389 7.12 26.01 -1.78
CA VAL B 389 7.75 25.88 -0.44
C VAL B 389 8.48 27.17 -0.11
N ASN B 390 9.05 27.81 -1.13
CA ASN B 390 10.11 28.81 -0.90
C ASN B 390 9.50 30.18 -0.71
N LYS B 391 8.65 30.29 0.29
CA LYS B 391 7.98 31.55 0.68
C LYS B 391 8.68 32.01 1.93
N THR B 392 9.44 33.08 1.89
CA THR B 392 10.26 33.49 3.05
C THR B 392 9.35 33.91 4.22
N GLU B 393 8.10 34.30 3.97
CA GLU B 393 7.15 34.66 5.07
C GLU B 393 6.98 33.41 5.98
N ARG B 394 7.19 32.19 5.46
CA ARG B 394 7.02 30.97 6.31
C ARG B 394 8.20 30.76 7.25
N ILE B 395 9.32 31.44 7.06
CA ILE B 395 10.43 31.29 8.02
C ILE B 395 9.96 31.78 9.39
N ALA B 396 9.26 32.90 9.44
CA ALA B 396 8.87 33.49 10.74
C ALA B 396 7.74 32.76 11.44
N ASP B 397 6.86 32.08 10.73
CA ASP B 397 5.65 31.54 11.38
C ASP B 397 5.58 30.00 11.33
N THR B 398 6.62 29.36 10.83
CA THR B 398 6.77 27.90 10.89
C THR B 398 8.12 27.58 11.52
N ALA B 399 8.33 26.31 11.76
CA ALA B 399 9.61 25.77 12.25
C ALA B 399 10.35 25.05 11.13
N VAL B 400 10.08 25.42 9.86
CA VAL B 400 10.84 24.92 8.71
C VAL B 400 11.55 26.11 8.10
N PRO B 401 12.83 26.31 8.46
CA PRO B 401 13.56 27.48 7.98
C PRO B 401 14.10 27.34 6.56
N GLN B 402 14.08 26.13 6.03
CA GLN B 402 14.69 25.87 4.71
C GLN B 402 13.72 26.27 3.60
N ARG B 403 13.75 27.52 3.18
CA ARG B 403 12.80 28.11 2.25
C ARG B 403 13.55 28.71 1.05
N ALA B 404 14.72 28.16 0.78
CA ALA B 404 15.53 28.62 -0.37
C ALA B 404 16.22 27.50 -1.09
N SER B 405 15.83 26.26 -0.86
CA SER B 405 16.48 25.12 -1.51
C SER B 405 15.79 24.76 -2.81
N VAL B 406 16.54 24.19 -3.74
CA VAL B 406 16.03 23.83 -5.07
C VAL B 406 16.05 22.31 -5.26
N MET B 407 16.78 21.59 -4.42
CA MET B 407 16.77 20.11 -4.42
C MET B 407 16.85 19.64 -2.99
N LYS B 408 16.24 18.49 -2.72
CA LYS B 408 16.22 17.90 -1.39
C LYS B 408 16.67 16.48 -1.53
N LEU B 409 17.70 16.08 -0.78
CA LEU B 409 18.38 14.81 -0.99
C LEU B 409 18.08 13.87 0.16
N GLN B 410 17.86 12.61 -0.20
CA GLN B 410 17.65 11.55 0.79
C GLN B 410 18.62 10.41 0.41
N TYR B 411 19.65 10.27 1.21
CA TYR B 411 20.58 9.10 1.13
C TYR B 411 19.89 7.93 1.80
N GLN B 412 19.94 6.74 1.19
CA GLN B 412 19.14 5.61 1.71
C GLN B 412 19.95 4.32 1.56
N THR B 413 20.00 3.50 2.57
CA THR B 413 20.49 2.11 2.42
C THR B 413 19.52 1.19 3.17
N TYR B 414 19.23 0.04 2.58
CA TYR B 414 18.24 -0.92 3.08
C TYR B 414 18.89 -2.29 3.07
N TRP B 415 18.51 -3.06 4.07
CA TRP B 415 19.03 -4.45 4.16
C TRP B 415 18.15 -5.28 5.06
N THR B 416 18.42 -6.58 5.13
CA THR B 416 17.55 -7.55 5.82
C THR B 416 18.09 -7.86 7.21
N SER B 417 19.36 -8.24 7.30
CA SER B 417 19.87 -8.91 8.53
C SER B 417 20.66 -7.94 9.42
N ALA B 418 20.46 -8.03 10.72
CA ALA B 418 21.24 -7.32 11.74
C ALA B 418 22.74 -7.60 11.55
N ALA B 419 23.09 -8.77 11.04
CA ALA B 419 24.50 -9.13 10.86
C ALA B 419 25.19 -8.14 9.94
N ASP B 420 24.45 -7.51 9.04
CA ASP B 420 24.99 -6.64 7.98
C ASP B 420 24.93 -5.16 8.39
N ASP B 421 24.50 -4.86 9.61
CA ASP B 421 24.32 -3.44 10.00
C ASP B 421 25.62 -2.65 9.81
N ALA B 422 26.73 -3.15 10.32
CA ALA B 422 27.96 -2.31 10.32
C ALA B 422 28.33 -1.91 8.90
N GLY B 423 28.27 -2.83 7.93
CA GLY B 423 28.65 -2.56 6.55
C GLY B 423 27.78 -1.47 5.95
N HIS B 424 26.48 -1.58 6.16
CA HIS B 424 25.55 -0.56 5.61
C HIS B 424 25.77 0.80 6.25
N LEU B 425 25.91 0.85 7.55
CA LEU B 425 26.05 2.11 8.27
C LEU B 425 27.36 2.79 7.87
N ARG B 426 28.40 1.98 7.64
CA ARG B 426 29.72 2.53 7.21
C ARG B 426 29.60 3.07 5.81
N TRP B 427 28.99 2.30 4.90
CA TRP B 427 28.87 2.72 3.48
C TRP B 427 28.21 4.10 3.44
N ILE B 428 27.05 4.23 4.05
CA ILE B 428 26.30 5.51 3.91
C ILE B 428 26.97 6.61 4.71
N GLY B 429 27.61 6.30 5.84
CA GLY B 429 28.32 7.31 6.63
C GLY B 429 29.54 7.85 5.89
N ASP B 430 30.32 6.98 5.29
CA ASP B 430 31.53 7.44 4.53
C ASP B 430 31.09 8.26 3.32
N PHE B 431 30.02 7.84 2.66
CA PHE B 431 29.48 8.48 1.45
C PHE B 431 29.14 9.92 1.82
N TYR B 432 28.31 10.10 2.83
CA TYR B 432 27.81 11.44 3.18
C TYR B 432 28.96 12.35 3.64
N ARG B 433 29.81 11.83 4.53
CA ARG B 433 30.94 12.60 5.08
C ARG B 433 31.79 13.09 3.91
N ASP B 434 31.97 12.27 2.91
CA ASP B 434 32.81 12.61 1.75
C ASP B 434 32.14 13.68 0.90
N VAL B 435 30.86 13.53 0.55
CA VAL B 435 30.18 14.52 -0.33
C VAL B 435 30.25 15.90 0.33
N TYR B 436 30.03 15.99 1.64
CA TYR B 436 29.98 17.29 2.36
C TYR B 436 31.33 17.57 3.01
N GLY B 437 32.41 17.06 2.45
CA GLY B 437 33.76 17.30 2.98
C GLY B 437 34.38 18.59 2.44
N THR B 438 35.62 18.83 2.85
CA THR B 438 36.33 20.12 2.72
C THR B 438 35.71 21.02 1.66
N PRO B 439 36.30 21.21 0.45
CA PRO B 439 36.26 22.52 -0.17
C PRO B 439 34.89 23.20 -0.08
N ASP B 440 33.84 22.51 -0.54
CA ASP B 440 32.45 23.04 -0.69
C ASP B 440 31.86 23.34 0.69
N VAL B 441 32.44 22.71 1.74
CA VAL B 441 32.08 22.89 3.19
C VAL B 441 33.32 23.25 3.99
N SER B 442 33.22 24.23 4.87
CA SER B 442 34.32 24.72 5.73
C SER B 442 34.85 23.55 6.59
N ALA B 443 36.09 23.63 7.02
CA ALA B 443 36.71 22.58 7.86
C ALA B 443 35.85 22.33 9.10
N PRO B 444 35.36 23.38 9.83
CA PRO B 444 34.60 23.20 11.06
C PRO B 444 33.31 22.39 10.85
N HIS B 445 32.72 22.55 9.69
CA HIS B 445 31.39 21.93 9.42
C HIS B 445 31.49 20.74 8.51
N ALA B 446 32.70 20.34 8.10
CA ALA B 446 32.90 19.34 7.09
C ALA B 446 32.23 18.04 7.49
N GLY B 447 31.64 17.36 6.52
CA GLY B 447 30.90 16.13 6.71
C GLY B 447 29.42 16.38 6.85
N THR B 448 29.01 17.64 6.85
CA THR B 448 27.57 17.98 6.99
C THR B 448 27.21 19.06 6.00
N PRO B 449 25.98 19.06 5.48
CA PRO B 449 25.54 20.07 4.51
C PRO B 449 25.18 21.34 5.23
N TYR B 450 26.15 21.98 5.88
CA TYR B 450 25.88 23.05 6.86
C TYR B 450 25.28 24.25 6.16
N PRO B 451 24.24 24.88 6.73
CA PRO B 451 23.55 25.99 6.10
C PRO B 451 24.51 27.15 5.78
N GLY B 452 24.34 27.70 4.59
CA GLY B 452 25.24 28.76 4.10
C GLY B 452 24.84 29.12 2.71
N ASP B 453 25.83 29.51 1.89
CA ASP B 453 25.54 29.87 0.50
C ASP B 453 25.14 28.68 -0.36
N ARG B 454 25.45 27.45 0.04
CA ARG B 454 25.31 26.27 -0.85
C ARG B 454 24.20 25.35 -0.33
N TYR B 455 24.12 25.17 0.96
CA TYR B 455 23.19 24.17 1.58
C TYR B 455 22.29 24.85 2.58
N GLU B 456 21.21 24.14 2.98
CA GLU B 456 20.36 24.58 4.08
C GLU B 456 20.20 23.44 5.08
N GLY B 457 21.19 22.56 5.20
CA GLY B 457 21.15 21.62 6.31
C GLY B 457 20.33 20.37 6.04
N CYS B 458 19.60 19.93 7.05
CA CYS B 458 18.96 18.62 7.16
C CYS B 458 17.48 18.75 7.52
N TYR B 459 16.73 17.71 7.20
CA TYR B 459 15.27 17.62 7.36
C TYR B 459 14.93 16.70 8.52
N ILE B 460 14.21 17.23 9.52
CA ILE B 460 13.96 16.49 10.76
C ILE B 460 13.11 15.22 10.55
N ASN B 461 12.32 15.10 9.48
CA ASN B 461 11.57 13.87 9.20
C ASN B 461 12.48 12.81 8.54
N TYR B 462 13.72 13.14 8.16
CA TYR B 462 14.75 12.17 7.78
C TYR B 462 15.86 12.28 8.81
N PRO B 463 15.58 12.06 10.08
CA PRO B 463 16.56 12.32 11.13
C PRO B 463 17.74 11.34 11.03
N ASP B 464 18.90 11.81 11.45
CA ASP B 464 20.16 11.02 11.30
C ASP B 464 20.98 11.17 12.59
N VAL B 465 20.96 10.20 13.49
CA VAL B 465 21.66 10.29 14.79
C VAL B 465 23.19 10.41 14.59
N ASP B 466 23.69 10.08 13.40
CA ASP B 466 25.14 10.31 13.15
C ASP B 466 25.44 11.78 13.34
N MET B 467 24.46 12.68 13.13
CA MET B 467 24.72 14.13 13.23
C MET B 467 24.96 14.54 14.69
N LEU B 468 24.63 13.71 15.68
CA LEU B 468 24.87 14.01 17.11
C LEU B 468 26.39 14.06 17.40
N ALA B 469 27.19 13.57 16.46
CA ALA B 469 28.67 13.69 16.62
C ALA B 469 29.05 15.18 16.59
N TYR B 470 28.22 16.05 16.06
CA TYR B 470 28.53 17.48 15.82
C TYR B 470 27.68 18.31 16.77
N PRO B 471 28.22 19.21 17.59
CA PRO B 471 27.44 19.98 18.53
C PRO B 471 26.51 20.99 17.84
N PHE B 472 26.74 21.24 16.57
CA PHE B 472 25.91 22.14 15.74
C PHE B 472 24.78 21.35 15.05
N TRP B 473 24.53 20.10 15.41
CA TRP B 473 23.40 19.38 14.75
C TRP B 473 22.11 20.19 14.82
N PRO B 474 21.75 20.91 15.90
CA PRO B 474 20.50 21.67 15.89
C PRO B 474 20.46 22.70 14.76
N GLN B 475 21.60 23.28 14.39
CA GLN B 475 21.65 24.26 13.30
C GLN B 475 21.49 23.58 11.96
N LEU B 476 21.83 22.29 11.83
CA LEU B 476 21.55 21.57 10.58
C LEU B 476 20.02 21.50 10.39
N TYR B 477 19.32 21.12 11.44
CA TYR B 477 17.85 20.88 11.30
C TYR B 477 17.06 22.17 11.34
N TYR B 478 17.53 23.14 12.10
CA TYR B 478 16.70 24.32 12.43
C TYR B 478 17.38 25.62 12.00
N GLY B 479 18.45 25.52 11.23
CA GLY B 479 19.10 26.72 10.68
C GLY B 479 20.09 27.33 11.62
N ASP B 480 20.85 28.27 11.04
CA ASP B 480 21.93 29.06 11.65
C ASP B 480 21.38 30.26 12.43
N GLY B 481 20.08 30.52 12.40
CA GLY B 481 19.48 31.67 13.07
C GLY B 481 18.90 31.32 14.42
N ASP B 482 17.80 31.95 14.76
CA ASP B 482 17.28 31.92 16.14
C ASP B 482 16.24 30.81 16.36
N LEU B 483 16.03 29.92 15.41
CA LEU B 483 14.89 28.99 15.56
C LEU B 483 15.17 28.02 16.70
N TYR B 484 16.36 27.41 16.77
CA TYR B 484 16.60 26.39 17.82
C TYR B 484 16.43 27.02 19.19
N ALA B 485 16.94 28.23 19.44
CA ALA B 485 16.76 28.84 20.76
C ALA B 485 15.26 29.08 21.04
N PHE B 486 14.52 29.47 20.00
CA PHE B 486 13.08 29.62 20.09
C PHE B 486 12.44 28.30 20.50
N LEU B 487 12.87 27.19 19.88
CA LEU B 487 12.29 25.88 20.25
C LEU B 487 12.66 25.49 21.66
N GLN B 488 13.88 25.83 22.08
CA GLN B 488 14.29 25.53 23.45
C GLN B 488 13.42 26.29 24.44
N ARG B 489 13.01 27.53 24.12
CA ARG B 489 12.11 28.27 25.02
C ARG B 489 10.73 27.59 25.00
N VAL B 490 10.26 27.15 23.84
CA VAL B 490 8.95 26.42 23.78
C VAL B 490 9.07 25.17 24.66
N LYS B 491 10.17 24.47 24.56
CA LYS B 491 10.42 23.23 25.31
C LYS B 491 10.28 23.51 26.80
N ARG B 492 10.98 24.53 27.29
CA ARG B 492 10.94 24.89 28.73
C ARG B 492 9.52 25.26 29.13
N ARG B 493 8.80 26.01 28.29
CA ARG B 493 7.49 26.53 28.72
C ARG B 493 6.44 25.42 28.68
N TYR B 494 6.45 24.55 27.67
CA TYR B 494 5.34 23.61 27.43
C TYR B 494 5.64 22.18 27.85
N ASP B 495 6.90 21.82 27.97
CA ASP B 495 7.30 20.52 28.55
C ASP B 495 8.36 20.78 29.61
N PRO B 496 7.97 21.50 30.68
CA PRO B 496 8.96 21.86 31.70
C PRO B 496 9.60 20.68 32.40
N ASN B 497 8.94 19.52 32.42
CA ASN B 497 9.51 18.29 33.04
C ASN B 497 10.34 17.47 32.05
N ASN B 498 10.46 17.89 30.80
CA ASN B 498 11.15 17.10 29.75
C ASN B 498 10.60 15.67 29.82
N ILE B 499 9.26 15.56 29.82
CA ILE B 499 8.59 14.26 29.68
C ILE B 499 8.94 13.63 28.33
N PHE B 500 8.92 14.45 27.27
CA PHE B 500 8.98 13.94 25.87
C PHE B 500 10.40 14.19 25.39
N HIS B 501 11.10 13.10 25.09
CA HIS B 501 12.48 13.26 24.58
C HIS B 501 12.88 12.05 23.76
N HIS B 502 13.98 12.16 23.08
CA HIS B 502 14.60 11.10 22.27
C HIS B 502 15.96 11.61 21.84
N ALA B 503 16.69 10.78 21.10
CA ALA B 503 18.11 11.14 20.81
C ALA B 503 18.23 12.49 20.12
N MET B 504 17.25 12.95 19.34
CA MET B 504 17.38 14.24 18.62
C MET B 504 16.26 15.19 19.02
N SER B 505 15.77 15.06 20.25
CA SER B 505 14.75 16.00 20.73
C SER B 505 15.38 17.35 21.09
N VAL B 506 14.58 18.37 21.02
CA VAL B 506 14.98 19.74 21.43
C VAL B 506 15.38 19.66 22.89
N ARG B 507 16.61 20.11 23.19
CA ARG B 507 17.12 20.03 24.58
C ARG B 507 16.62 21.24 25.34
N PRO B 508 16.26 21.09 26.61
CA PRO B 508 16.16 22.25 27.47
C PRO B 508 17.53 22.95 27.54
N ALA B 509 17.48 24.24 27.42
CA ALA B 509 18.63 25.18 27.58
C ALA B 509 19.04 25.26 29.05
N ALA B 510 20.24 25.75 29.31
CA ALA B 510 20.74 25.96 30.67
C ALA B 510 19.75 26.89 31.34
N ALA B 511 19.59 26.72 32.64
CA ALA B 511 18.58 27.41 33.50
C ALA B 511 18.82 28.92 33.48
N ALA C . -34.41 -17.35 -13.22
CA ALA C . -34.86 -18.63 -13.93
C ALA C . -35.37 -18.31 -15.34
O ALA C . -36.41 -17.67 -15.42
CB ALA C . -35.93 -19.30 -13.11
PA FAD D . -15.71 -3.82 -6.53
O1A FAD D . -15.22 -3.59 -7.88
O2A FAD D . -16.20 -2.68 -5.72
O5B FAD D . -16.91 -4.88 -6.56
C5B FAD D . -16.64 -6.24 -7.00
C4B FAD D . -17.96 -6.94 -7.27
O4B FAD D . -18.78 -6.93 -6.09
C3B FAD D . -18.84 -6.30 -8.34
O3B FAD D . -19.66 -7.33 -8.93
C2B FAD D . -19.76 -5.39 -7.54
O2B FAD D . -21.02 -5.22 -8.16
C1B FAD D . -19.92 -6.13 -6.24
N9A FAD D . -20.07 -5.31 -5.04
C8A FAD D . -19.19 -4.38 -4.55
N7A FAD D . -19.57 -3.89 -3.41
C5A FAD D . -20.73 -4.58 -3.10
C6A FAD D . -21.58 -4.50 -1.96
N6A FAD D . -21.35 -3.73 -0.91
N1A FAD D . -22.67 -5.33 -1.99
C2A FAD D . -22.81 -6.11 -3.07
N3A FAD D . -22.10 -6.25 -4.16
C4A FAD D . -21.04 -5.44 -4.10
N1 FAD D . -9.21 -12.09 -4.38
C2 FAD D . -8.89 -13.06 -3.47
O2 FAD D . -9.75 -13.85 -3.05
N3 FAD D . -7.65 -13.06 -2.87
C4 FAD D . -6.64 -12.18 -3.18
O4 FAD D . -5.56 -12.20 -2.58
C4X FAD D . -6.97 -11.15 -4.13
N5 FAD D . -6.02 -10.28 -4.46
C5X FAD D . -6.39 -9.20 -5.25
C6 FAD D . -5.45 -8.14 -5.42
C7 FAD D . -5.81 -7.07 -6.22
C7M FAD D . -4.78 -6.01 -6.53
C8 FAD D . -7.15 -6.96 -6.74
C8M FAD D . -7.60 -5.75 -7.53
C9 FAD D . -8.03 -8.03 -6.61
C9A FAD D . -7.68 -9.15 -5.83
N10 FAD D . -8.59 -10.19 -5.61
C10 FAD D . -8.27 -11.21 -4.70
C1' FAD D . -9.93 -10.18 -6.24
C2' FAD D . -10.99 -9.60 -5.39
O2' FAD D . -11.42 -10.52 -4.35
C3' FAD D . -12.21 -9.16 -6.20
O3' FAD D . -11.71 -8.20 -7.15
C4' FAD D . -13.28 -8.54 -5.31
O4' FAD D . -14.58 -8.80 -5.82
C5' FAD D . -13.08 -7.06 -5.18
O5' FAD D . -14.02 -6.50 -4.26
P FAD D . -14.12 -4.90 -4.25
O1P FAD D . -12.76 -4.29 -4.14
O2P FAD D . -15.17 -4.45 -3.29
O3P FAD D . -14.56 -4.60 -5.77
C1 GOL E . -11.02 -14.03 -26.09
O1 GOL E . -10.67 -15.09 -25.20
C2 GOL E . -9.83 -13.62 -26.91
O2 GOL E . -9.35 -14.73 -27.68
C3 GOL E . -10.09 -12.46 -27.83
O3 GOL E . -8.95 -12.22 -28.65
C1 GOL F . -24.70 -26.59 10.22
O1 GOL F . -24.72 -25.26 10.74
C2 GOL F . -23.35 -27.26 10.41
O2 GOL F . -22.93 -27.83 9.18
C3 GOL F . -22.26 -26.38 10.96
O3 GOL F . -20.97 -26.96 10.73
C1 PEG G . -4.97 -11.50 -6.99
O1 PEG G . -4.67 -12.47 -5.98
C2 PEG G . -3.79 -10.68 -7.44
O2 PEG G . -4.12 -10.02 -8.66
C3 PEG G . -4.66 -8.72 -8.47
C4 PEG G . -5.33 -8.21 -9.68
O4 PEG G . -5.04 -6.79 -10.00
C1 GOL H . -1.77 -14.02 -2.40
O1 GOL H . -1.87 -12.86 -3.20
C2 GOL H . -3.12 -14.65 -2.15
O2 GOL H . -3.84 -13.77 -1.28
C3 GOL H . -3.91 -14.94 -3.41
O3 GOL H . -3.09 -15.34 -4.49
C1 GOL I . -15.20 -21.81 9.73
O1 GOL I . -16.07 -22.92 9.54
C2 GOL I . -14.36 -21.93 11.00
O2 GOL I . -14.98 -21.19 12.05
C3 GOL I . -14.16 -23.36 11.46
O3 GOL I . -13.73 -23.40 12.81
C1 GOL J . -8.92 -32.80 2.45
O1 GOL J . -8.09 -33.41 1.46
C2 GOL J . -8.11 -32.01 3.48
O2 GOL J . -6.72 -32.00 3.17
C3 GOL J . -8.55 -30.56 3.59
O3 GOL J . -9.51 -30.37 4.62
C1 PEG K . -5.72 2.00 10.19
O1 PEG K . -6.01 1.12 11.30
C2 PEG K . -6.54 1.72 8.98
O2 PEG K . -7.79 2.46 8.92
C3 PEG K . -8.94 1.68 9.28
C4 PEG K . -9.95 2.60 9.92
O4 PEG K . -10.98 2.00 10.70
C1 PEG L . -9.33 2.90 -7.49
O1 PEG L . -9.30 1.43 -7.19
C2 PEG L . -8.32 3.46 -8.53
O2 PEG L . -8.33 4.91 -8.68
C3 PEG L . -8.32 5.65 -7.47
C4 PEG L . -7.49 5.04 -6.38
O4 PEG L . -8.01 3.77 -5.81
PA FAD M . 6.31 7.63 14.10
O1A FAD M . 5.03 7.22 14.74
O2A FAD M . 7.41 6.63 14.07
O5B FAD M . 6.75 8.97 14.76
C5B FAD M . 7.79 9.78 14.11
C4B FAD M . 8.24 10.85 15.10
O4B FAD M . 7.13 11.67 15.52
C3B FAD M . 8.82 10.35 16.38
O3B FAD M . 9.76 11.29 16.93
C2B FAD M . 7.61 10.29 17.33
O2B FAD M . 7.99 10.50 18.69
C1B FAD M . 6.80 11.48 16.87
N9A FAD M . 5.36 11.33 16.98
C8A FAD M . 4.60 10.35 16.46
N7A FAD M . 3.33 10.58 16.65
C5A FAD M . 3.27 11.80 17.31
C6A FAD M . 2.20 12.57 17.79
N6A FAD M . 0.94 12.19 17.65
N1A FAD M . 2.48 13.71 18.48
C2A FAD M . 3.78 14.07 18.60
N3A FAD M . 4.87 13.39 18.21
C4A FAD M . 4.52 12.28 17.53
N1 FAD M . 8.60 12.18 4.64
C2 FAD M . 8.23 13.13 3.77
O2 FAD M . 8.17 14.33 4.14
N3 FAD M . 7.79 12.81 2.50
C4 FAD M . 7.79 11.53 2.02
O4 FAD M . 7.31 11.31 0.88
C4X FAD M . 8.14 10.48 2.94
N5 FAD M . 8.10 9.20 2.53
C5X FAD M . 8.27 8.19 3.45
C6 FAD M . 8.04 6.83 3.06
C7 FAD M . 8.25 5.83 3.99
C7M FAD M . 8.11 4.38 3.56
C8 FAD M . 8.59 6.18 5.38
C8M FAD M . 8.68 5.14 6.49
C9 FAD M . 8.82 7.49 5.71
C9A FAD M . 8.67 8.53 4.76
N10 FAD M . 8.87 9.88 5.12
C10 FAD M . 8.56 10.91 4.23
C1' FAD M . 9.31 10.23 6.48
C2' FAD M . 8.19 10.54 7.44
O2' FAD M . 7.79 11.90 7.22
C3' FAD M . 8.66 10.48 8.89
O3' FAD M . 9.13 9.09 9.06
C4' FAD M . 7.54 10.77 9.89
O4' FAD M . 8.05 11.41 11.06
C5' FAD M . 6.79 9.54 10.20
O5' FAD M . 5.64 9.88 11.03
P FAD M . 4.88 8.62 11.65
O1P FAD M . 3.78 9.16 12.53
O2P FAD M . 4.62 7.58 10.64
O3P FAD M . 6.06 8.00 12.57
C1 GOL N . 29.43 3.90 11.17
O1 GOL N . 30.46 3.09 10.62
C2 GOL N . 29.45 5.26 10.50
O2 GOL N . 30.80 5.71 10.36
C3 GOL N . 28.67 6.32 11.25
O3 GOL N . 28.51 7.45 10.39
C1 PEG O . -1.53 27.58 -3.83
O1 PEG O . -1.52 28.55 -2.80
C2 PEG O . -2.54 26.50 -3.59
O2 PEG O . -1.94 25.21 -3.82
C3 PEG O . -2.58 24.44 -4.85
C4 PEG O . -2.89 25.22 -6.08
O4 PEG O . -3.14 24.36 -7.19
C1 GOL P . -1.44 28.27 2.19
O1 GOL P . -2.12 29.52 2.24
C2 GOL P . -0.10 28.42 1.51
O2 GOL P . 0.86 28.66 2.53
C3 GOL P . 0.29 27.21 0.67
O3 GOL P . 1.57 27.30 0.04
#